data_8EHS
#
_entry.id   8EHS
#
_entity_poly.entity_id   1
_entity_poly.type   'polypeptide(L)'
_entity_poly.pdbx_seq_one_letter_code
;VEKNITVRASVDPKLDLLQADGTSLPDSIALTYSSASNNFEVYSLNTAIHTNDKSKGVVVKLSASPVLSNIMKPNSQIPM
KVTLGGKTLNTTDTEFTVDTLNFGTSGVENVSSTQQLTIHADTQGTAPEAGNYQGIISLIMTQKT
;
_entity_poly.pdbx_strand_id   G,A,B,C,D,E,F
#
# COMPACT_ATOMS: atom_id res chain seq x y z
N VAL A 1 10.74 -1.21 19.65
CA VAL A 1 9.98 -1.70 20.83
C VAL A 1 8.89 -2.66 20.40
N GLU A 2 8.27 -3.30 21.39
CA GLU A 2 7.18 -4.23 21.15
C GLU A 2 5.84 -3.57 21.47
N LYS A 3 4.80 -4.01 20.77
CA LYS A 3 3.44 -3.49 20.96
C LYS A 3 3.38 -1.98 20.68
N ASN A 4 3.66 -1.63 19.43
CA ASN A 4 3.46 -0.28 18.94
C ASN A 4 2.00 -0.10 18.53
N ILE A 5 1.35 0.93 19.06
CA ILE A 5 -0.06 1.20 18.80
C ILE A 5 -0.19 2.60 18.23
N THR A 6 -0.91 2.72 17.11
CA THR A 6 -1.17 4.02 16.49
C THR A 6 -2.58 4.48 16.84
N VAL A 7 -2.70 5.74 17.26
CA VAL A 7 -3.95 6.31 17.73
C VAL A 7 -4.39 7.38 16.73
N ARG A 8 -5.66 7.31 16.35
CA ARG A 8 -6.24 8.26 15.40
C ARG A 8 -7.53 8.83 15.98
N ALA A 9 -7.86 10.05 15.55
CA ALA A 9 -9.07 10.71 16.03
C ALA A 9 -9.46 11.80 15.05
N SER A 10 -10.77 12.01 14.92
CA SER A 10 -11.34 13.09 14.11
C SER A 10 -12.10 14.03 15.03
N VAL A 11 -11.78 15.32 14.95
CA VAL A 11 -12.29 16.32 15.88
C VAL A 11 -13.12 17.33 15.10
N ASP A 12 -14.38 17.50 15.51
CA ASP A 12 -15.24 18.58 15.03
C ASP A 12 -15.76 19.35 16.23
N PRO A 13 -15.15 20.47 16.62
CA PRO A 13 -15.55 21.13 17.87
C PRO A 13 -17.02 21.52 17.93
N LYS A 14 -17.61 21.94 16.82
CA LYS A 14 -18.96 22.50 16.87
C LYS A 14 -20.04 21.43 17.07
N LEU A 15 -19.92 20.29 16.39
CA LEU A 15 -20.97 19.28 16.45
C LEU A 15 -20.36 17.89 16.52
N ASP A 16 -21.11 16.97 17.14
CA ASP A 16 -20.79 15.55 17.19
C ASP A 16 -22.08 14.78 17.32
N LEU A 17 -22.11 13.58 16.73
CA LEU A 17 -23.27 12.70 16.79
C LEU A 17 -22.82 11.38 17.41
N LEU A 18 -23.26 11.14 18.65
CA LEU A 18 -22.88 9.96 19.41
C LEU A 18 -24.13 9.23 19.86
N GLN A 19 -23.95 7.94 20.18
CA GLN A 19 -25.07 7.14 20.65
C GLN A 19 -25.55 7.63 22.01
N ALA A 20 -26.80 7.28 22.35
CA ALA A 20 -27.40 7.75 23.59
C ALA A 20 -26.61 7.28 24.81
N ASP A 21 -25.88 6.18 24.69
CA ASP A 21 -25.09 5.66 25.81
C ASP A 21 -23.70 6.27 25.88
N GLY A 22 -23.35 7.19 24.98
CA GLY A 22 -22.08 7.86 25.01
C GLY A 22 -21.06 7.33 24.02
N THR A 23 -21.27 6.12 23.49
CA THR A 23 -20.33 5.55 22.53
C THR A 23 -20.54 6.17 21.15
N SER A 24 -19.49 6.11 20.33
CA SER A 24 -19.55 6.67 18.99
C SER A 24 -20.41 5.79 18.09
N LEU A 25 -20.94 6.39 17.03
CA LEU A 25 -21.77 5.66 16.10
C LEU A 25 -20.97 4.54 15.44
N PRO A 26 -21.60 3.41 15.13
CA PRO A 26 -20.87 2.34 14.45
C PRO A 26 -20.34 2.79 13.10
N ASP A 27 -19.13 2.35 12.78
CA ASP A 27 -18.53 2.70 11.50
C ASP A 27 -19.16 1.93 10.34
N SER A 28 -19.82 0.81 10.62
CA SER A 28 -20.49 0.02 9.61
C SER A 28 -21.75 -0.60 10.19
N ILE A 29 -22.73 -0.86 9.33
CA ILE A 29 -23.98 -1.50 9.74
C ILE A 29 -24.30 -2.62 8.75
N ALA A 30 -25.07 -3.59 9.21
CA ALA A 30 -25.47 -4.74 8.42
C ALA A 30 -26.99 -4.82 8.38
N LEU A 31 -27.54 -5.01 7.18
CA LEU A 31 -28.97 -5.16 7.00
C LEU A 31 -29.34 -6.63 6.86
N THR A 32 -30.57 -6.96 7.23
CA THR A 32 -31.08 -8.32 7.19
C THR A 32 -32.17 -8.42 6.13
N TYR A 33 -32.02 -9.37 5.21
CA TYR A 33 -33.01 -9.59 4.17
C TYR A 33 -34.03 -10.64 4.62
N SER A 34 -35.26 -10.49 4.12
CA SER A 34 -36.34 -11.41 4.46
C SER A 34 -37.04 -11.79 3.15
N SER A 35 -36.78 -13.01 2.68
CA SER A 35 -37.35 -13.45 1.40
C SER A 35 -38.87 -13.51 1.44
N ALA A 36 -39.48 -13.66 2.62
CA ALA A 36 -40.94 -13.69 2.70
C ALA A 36 -41.54 -12.38 2.24
N SER A 37 -40.98 -11.25 2.69
CA SER A 37 -41.47 -9.94 2.29
C SER A 37 -40.74 -9.36 1.10
N ASN A 38 -39.65 -10.00 0.65
CA ASN A 38 -38.87 -9.53 -0.49
C ASN A 38 -38.44 -8.08 -0.28
N ASN A 39 -38.05 -7.77 0.95
CA ASN A 39 -37.64 -6.42 1.31
C ASN A 39 -36.75 -6.46 2.54
N PHE A 40 -35.96 -5.42 2.73
CA PHE A 40 -35.08 -5.32 3.87
C PHE A 40 -35.85 -4.79 5.09
N GLU A 41 -35.30 -5.07 6.27
CA GLU A 41 -35.89 -4.57 7.51
C GLU A 41 -35.37 -3.16 7.80
N VAL A 42 -36.11 -2.46 8.67
CA VAL A 42 -35.72 -1.12 9.06
C VAL A 42 -34.68 -1.19 10.17
N TYR A 43 -33.56 -0.50 9.97
CA TYR A 43 -32.48 -0.44 10.96
C TYR A 43 -32.61 0.85 11.76
N SER A 44 -32.73 0.72 13.08
CA SER A 44 -32.95 1.85 13.96
C SER A 44 -31.84 1.92 15.01
N LEU A 45 -31.37 3.14 15.26
CA LEU A 45 -30.30 3.37 16.24
C LEU A 45 -30.64 4.62 17.04
N ASN A 46 -30.38 4.58 18.35
CA ASN A 46 -30.60 5.73 19.21
C ASN A 46 -29.34 6.57 19.27
N THR A 47 -29.47 7.86 18.95
CA THR A 47 -28.34 8.77 18.90
C THR A 47 -28.70 10.08 19.59
N ALA A 48 -27.67 10.76 20.10
CA ALA A 48 -27.82 12.05 20.76
C ALA A 48 -26.82 13.04 20.16
N ILE A 49 -27.27 14.26 19.94
CA ILE A 49 -26.43 15.28 19.32
C ILE A 49 -25.68 16.04 20.41
N HIS A 50 -24.37 16.18 20.23
CA HIS A 50 -23.53 16.99 21.10
C HIS A 50 -23.15 18.27 20.37
N THR A 51 -23.31 19.40 21.05
CA THR A 51 -23.10 20.70 20.43
C THR A 51 -22.22 21.56 21.33
N ASN A 52 -21.47 22.47 20.70
CA ASN A 52 -20.57 23.35 21.44
C ASN A 52 -21.36 24.37 22.26
N ASP A 53 -22.37 25.01 21.66
CA ASP A 53 -23.23 25.95 22.35
C ASP A 53 -24.68 25.52 22.18
N LYS A 54 -25.47 25.68 23.25
CA LYS A 54 -26.86 25.21 23.23
C LYS A 54 -27.83 26.25 22.69
N SER A 55 -27.34 27.43 22.30
CA SER A 55 -28.23 28.49 21.83
C SER A 55 -28.51 28.43 20.33
N LYS A 56 -27.86 27.51 19.60
CA LYS A 56 -27.97 27.46 18.15
C LYS A 56 -28.53 26.11 17.72
N GLY A 57 -29.41 26.12 16.73
CA GLY A 57 -29.99 24.90 16.23
C GLY A 57 -29.03 24.11 15.37
N VAL A 58 -29.53 23.00 14.84
CA VAL A 58 -28.75 22.07 14.04
C VAL A 58 -29.44 21.86 12.70
N VAL A 59 -28.65 21.80 11.62
CA VAL A 59 -29.14 21.51 10.28
C VAL A 59 -28.44 20.27 9.78
N VAL A 60 -29.21 19.31 9.27
CA VAL A 60 -28.71 17.99 8.90
C VAL A 60 -29.04 17.73 7.44
N LYS A 61 -28.07 17.20 6.70
CA LYS A 61 -28.24 16.88 5.29
C LYS A 61 -27.31 15.73 4.93
N LEU A 62 -27.48 15.22 3.71
CA LEU A 62 -26.63 14.18 3.18
C LEU A 62 -25.82 14.72 2.01
N SER A 63 -24.55 14.30 1.92
CA SER A 63 -23.71 14.73 0.81
C SER A 63 -24.26 14.24 -0.51
N ALA A 64 -24.73 13.00 -0.57
CA ALA A 64 -25.34 12.46 -1.78
C ALA A 64 -26.38 11.43 -1.36
N SER A 65 -27.31 11.16 -2.25
CA SER A 65 -28.38 10.21 -1.96
C SER A 65 -27.77 8.81 -1.80
N PRO A 66 -27.93 8.16 -0.64
CA PRO A 66 -27.32 6.83 -0.47
C PRO A 66 -28.01 5.78 -1.32
N VAL A 67 -27.20 4.88 -1.88
CA VAL A 67 -27.71 3.79 -2.72
C VAL A 67 -26.99 2.52 -2.34
N LEU A 68 -27.75 1.45 -2.11
CA LEU A 68 -27.19 0.14 -1.78
C LEU A 68 -27.11 -0.67 -3.07
N SER A 69 -25.90 -0.88 -3.58
CA SER A 69 -25.68 -1.50 -4.88
C SER A 69 -24.85 -2.77 -4.74
N ASN A 70 -25.15 -3.74 -5.60
CA ASN A 70 -24.40 -4.99 -5.61
C ASN A 70 -22.96 -4.74 -6.04
N ILE A 71 -22.02 -5.39 -5.35
CA ILE A 71 -20.61 -5.19 -5.68
C ILE A 71 -20.25 -5.78 -7.03
N MET A 72 -20.81 -6.93 -7.40
CA MET A 72 -20.49 -7.57 -8.66
C MET A 72 -21.09 -6.84 -9.87
N LYS A 73 -22.31 -6.32 -9.73
CA LYS A 73 -23.01 -5.66 -10.83
C LYS A 73 -23.73 -4.44 -10.30
N PRO A 74 -23.17 -3.24 -10.50
CA PRO A 74 -23.81 -2.04 -9.95
C PRO A 74 -25.18 -1.74 -10.54
N ASN A 75 -25.53 -2.33 -11.68
CA ASN A 75 -26.84 -2.07 -12.28
C ASN A 75 -27.98 -2.45 -11.35
N SER A 76 -27.77 -3.38 -10.43
CA SER A 76 -28.77 -3.75 -9.43
C SER A 76 -28.45 -3.03 -8.13
N GLN A 77 -29.40 -2.22 -7.65
CA GLN A 77 -29.15 -1.41 -6.47
C GLN A 77 -30.49 -1.07 -5.82
N ILE A 78 -30.41 -0.72 -4.54
CA ILE A 78 -31.59 -0.41 -3.73
C ILE A 78 -31.39 0.95 -3.06
N PRO A 79 -32.15 1.98 -3.41
CA PRO A 79 -32.02 3.26 -2.69
C PRO A 79 -32.34 3.09 -1.22
N MET A 80 -31.59 3.82 -0.39
CA MET A 80 -31.76 3.77 1.06
C MET A 80 -32.33 5.08 1.56
N LYS A 81 -33.35 4.99 2.41
CA LYS A 81 -34.00 6.17 2.99
C LYS A 81 -33.48 6.36 4.42
N VAL A 82 -32.95 7.54 4.70
CA VAL A 82 -32.38 7.86 6.00
C VAL A 82 -33.21 8.97 6.62
N THR A 83 -33.64 8.76 7.86
CA THR A 83 -34.43 9.73 8.61
C THR A 83 -33.84 9.92 9.99
N LEU A 84 -33.79 11.18 10.43
CA LEU A 84 -33.27 11.53 11.74
C LEU A 84 -34.29 12.40 12.46
N GLY A 85 -34.61 12.04 13.70
CA GLY A 85 -35.56 12.81 14.48
C GLY A 85 -36.97 12.78 13.92
N GLY A 86 -37.33 11.72 13.20
CA GLY A 86 -38.67 11.58 12.66
C GLY A 86 -38.90 12.27 11.33
N LYS A 87 -37.91 12.96 10.78
CA LYS A 87 -38.04 13.65 9.51
C LYS A 87 -37.00 13.11 8.53
N THR A 88 -37.45 12.85 7.30
CA THR A 88 -36.58 12.24 6.30
C THR A 88 -35.48 13.20 5.88
N LEU A 89 -34.25 12.71 5.86
CA LEU A 89 -33.11 13.49 5.39
C LEU A 89 -32.96 13.37 3.89
N ASN A 90 -32.44 14.42 3.26
CA ASN A 90 -32.29 14.47 1.82
C ASN A 90 -31.04 15.27 1.48
N THR A 91 -30.71 15.31 0.20
CA THR A 91 -29.60 16.13 -0.26
C THR A 91 -29.86 17.61 -0.01
N THR A 92 -31.13 18.00 0.16
CA THR A 92 -31.49 19.34 0.56
C THR A 92 -31.62 19.38 2.08
N ASP A 93 -31.01 20.38 2.70
CA ASP A 93 -30.87 20.40 4.14
C ASP A 93 -32.22 20.60 4.83
N THR A 94 -32.31 20.07 6.06
CA THR A 94 -33.47 20.24 6.92
C THR A 94 -33.00 20.77 8.27
N GLU A 95 -33.81 21.63 8.88
CA GLU A 95 -33.43 22.34 10.09
C GLU A 95 -34.09 21.69 11.31
N PHE A 96 -33.30 21.51 12.36
CA PHE A 96 -33.80 21.04 13.66
C PHE A 96 -33.72 22.22 14.62
N THR A 97 -34.87 22.75 15.00
CA THR A 97 -34.92 23.94 15.86
C THR A 97 -34.35 23.61 17.24
N VAL A 98 -33.83 24.64 17.91
CA VAL A 98 -33.20 24.44 19.21
C VAL A 98 -34.21 23.92 20.22
N ASP A 99 -35.43 24.44 20.19
CA ASP A 99 -36.44 24.03 21.16
C ASP A 99 -36.83 22.56 21.02
N THR A 100 -36.62 21.96 19.85
CA THR A 100 -36.95 20.56 19.64
C THR A 100 -35.82 19.61 19.96
N LEU A 101 -34.64 20.12 20.34
CA LEU A 101 -33.51 19.27 20.68
C LEU A 101 -33.37 19.03 22.17
N ASN A 102 -33.90 19.92 23.00
CA ASN A 102 -33.89 19.75 24.46
C ASN A 102 -32.49 19.53 24.99
N PHE A 103 -31.62 20.51 24.76
CA PHE A 103 -30.25 20.46 25.24
C PHE A 103 -30.20 20.48 26.77
N GLY A 104 -29.53 19.50 27.36
CA GLY A 104 -29.32 19.45 28.79
C GLY A 104 -30.38 18.70 29.57
N THR A 105 -31.51 18.36 28.94
CA THR A 105 -32.57 17.66 29.66
C THR A 105 -32.18 16.25 30.06
N SER A 106 -31.16 15.67 29.42
CA SER A 106 -30.72 14.33 29.75
C SER A 106 -29.84 14.29 31.00
N GLY A 107 -29.52 15.45 31.58
CA GLY A 107 -28.67 15.54 32.73
C GLY A 107 -27.26 15.97 32.44
N VAL A 108 -26.83 15.92 31.18
CA VAL A 108 -25.50 16.34 30.76
C VAL A 108 -25.65 17.60 29.92
N GLU A 109 -24.92 18.64 30.29
CA GLU A 109 -25.04 19.92 29.59
C GLU A 109 -24.55 19.80 28.15
N ASN A 110 -25.21 20.52 27.25
CA ASN A 110 -24.86 20.59 25.83
C ASN A 110 -25.05 19.26 25.11
N VAL A 111 -25.82 18.33 25.68
CA VAL A 111 -26.12 17.06 25.04
C VAL A 111 -27.61 17.04 24.71
N SER A 112 -27.92 16.76 23.44
CA SER A 112 -29.29 16.83 22.98
C SER A 112 -30.08 15.58 23.39
N SER A 113 -31.38 15.63 23.11
CA SER A 113 -32.25 14.49 23.37
C SER A 113 -31.97 13.36 22.38
N THR A 114 -32.41 12.16 22.75
CA THR A 114 -32.23 11.00 21.89
C THR A 114 -32.98 11.19 20.58
N GLN A 115 -32.25 11.14 19.47
CA GLN A 115 -32.82 11.28 18.14
C GLN A 115 -32.83 9.91 17.48
N GLN A 116 -33.99 9.55 16.91
CA GLN A 116 -34.13 8.25 16.27
C GLN A 116 -33.51 8.28 14.88
N LEU A 117 -32.47 7.49 14.66
CA LEU A 117 -31.83 7.36 13.37
C LEU A 117 -32.28 6.06 12.71
N THR A 118 -32.77 6.17 11.47
CA THR A 118 -33.38 5.03 10.79
C THR A 118 -32.80 4.90 9.40
N ILE A 119 -32.38 3.68 9.04
CA ILE A 119 -31.90 3.35 7.71
C ILE A 119 -32.80 2.27 7.15
N HIS A 120 -33.33 2.49 5.94
CA HIS A 120 -34.24 1.56 5.30
C HIS A 120 -33.89 1.42 3.83
N ALA A 121 -33.38 0.24 3.45
CA ALA A 121 -33.11 -0.08 2.04
C ALA A 121 -34.40 -0.65 1.47
N ASP A 122 -35.35 0.25 1.19
CA ASP A 122 -36.72 -0.15 0.85
C ASP A 122 -36.82 -0.54 -0.61
N THR A 123 -37.11 -1.81 -0.86
CA THR A 123 -37.50 -2.26 -2.19
C THR A 123 -39.01 -2.25 -2.32
N GLN A 124 -39.48 -2.04 -3.56
CA GLN A 124 -40.91 -2.00 -3.82
C GLN A 124 -41.46 -3.40 -3.96
N GLY A 125 -41.23 -4.25 -2.97
CA GLY A 125 -41.71 -5.63 -3.05
C GLY A 125 -41.12 -6.40 -4.21
N THR A 126 -39.88 -6.10 -4.57
CA THR A 126 -39.19 -6.78 -5.67
C THR A 126 -37.87 -7.34 -5.13
N ALA A 127 -37.67 -8.64 -5.30
CA ALA A 127 -36.48 -9.28 -4.77
C ALA A 127 -35.24 -8.81 -5.54
N PRO A 128 -34.23 -8.28 -4.86
CA PRO A 128 -32.96 -8.00 -5.55
C PRO A 128 -32.24 -9.28 -5.92
N GLU A 129 -31.33 -9.17 -6.87
CA GLU A 129 -30.59 -10.34 -7.32
C GLU A 129 -29.62 -10.80 -6.23
N ALA A 130 -29.42 -12.11 -6.17
CA ALA A 130 -28.57 -12.70 -5.14
C ALA A 130 -27.15 -12.20 -5.27
N GLY A 131 -26.52 -11.94 -4.14
CA GLY A 131 -25.15 -11.48 -4.08
C GLY A 131 -24.94 -10.61 -2.87
N ASN A 132 -23.76 -10.00 -2.80
CA ASN A 132 -23.37 -9.14 -1.69
C ASN A 132 -23.54 -7.68 -2.10
N TYR A 133 -24.17 -6.88 -1.24
CA TYR A 133 -24.46 -5.49 -1.52
C TYR A 133 -23.68 -4.60 -0.56
N GLN A 134 -23.32 -3.41 -1.03
CA GLN A 134 -22.58 -2.47 -0.21
C GLN A 134 -23.00 -1.05 -0.59
N GLY A 135 -22.95 -0.16 0.40
CA GLY A 135 -23.29 1.24 0.21
C GLY A 135 -22.61 2.07 1.27
N ILE A 136 -22.88 3.38 1.22
CA ILE A 136 -22.31 4.32 2.18
C ILE A 136 -23.31 5.45 2.40
N ILE A 137 -23.39 5.93 3.64
CA ILE A 137 -24.23 7.05 4.02
C ILE A 137 -23.34 8.14 4.60
N SER A 138 -23.52 9.36 4.12
CA SER A 138 -22.72 10.51 4.52
C SER A 138 -23.65 11.53 5.18
N LEU A 139 -23.66 11.52 6.51
CA LEU A 139 -24.55 12.37 7.29
C LEU A 139 -23.82 13.66 7.64
N ILE A 140 -24.32 14.79 7.13
CA ILE A 140 -23.72 16.10 7.38
C ILE A 140 -24.50 16.79 8.49
N MET A 141 -23.81 17.62 9.26
CA MET A 141 -24.43 18.38 10.34
C MET A 141 -23.78 19.76 10.42
N THR A 142 -24.60 20.78 10.61
CA THR A 142 -24.11 22.14 10.75
C THR A 142 -25.01 22.91 11.70
N GLN A 143 -24.40 23.85 12.43
CA GLN A 143 -25.17 24.80 13.26
C GLN A 143 -25.82 25.87 12.39
N LYS A 144 -26.93 26.41 12.86
CA LYS A 144 -27.67 27.43 12.12
C LYS A 144 -27.95 28.61 13.04
N THR A 145 -28.01 29.81 12.46
CA THR A 145 -28.29 31.02 13.22
C THR A 145 -29.66 30.95 13.87
N VAL B 1 2.45 -18.76 -9.65
CA VAL B 1 1.18 -19.36 -9.17
C VAL B 1 0.18 -18.27 -8.83
N GLU B 2 -0.99 -18.69 -8.36
CA GLU B 2 -2.04 -17.78 -7.96
C GLU B 2 -2.23 -17.82 -6.45
N LYS B 3 -2.69 -16.71 -5.89
CA LYS B 3 -2.95 -16.57 -4.47
C LYS B 3 -1.68 -16.81 -3.65
N ASN B 4 -0.70 -15.93 -3.85
CA ASN B 4 0.51 -15.93 -3.03
C ASN B 4 0.25 -15.08 -1.78
N ILE B 5 0.50 -15.66 -0.62
CA ILE B 5 0.27 -15.00 0.66
C ILE B 5 1.59 -14.95 1.41
N THR B 6 1.95 -13.76 1.91
CA THR B 6 3.16 -13.59 2.69
C THR B 6 2.81 -13.48 4.17
N VAL B 7 3.49 -14.26 4.99
CA VAL B 7 3.22 -14.37 6.42
C VAL B 7 4.33 -13.67 7.19
N ARG B 8 3.95 -12.86 8.18
CA ARG B 8 4.90 -12.13 9.00
C ARG B 8 4.57 -12.36 10.47
N ALA B 9 5.60 -12.30 11.31
CA ALA B 9 5.43 -12.50 12.73
C ALA B 9 6.63 -11.93 13.47
N SER B 10 6.37 -11.36 14.65
CA SER B 10 7.40 -10.86 15.55
C SER B 10 7.38 -11.68 16.82
N VAL B 11 8.53 -12.24 17.19
CA VAL B 11 8.64 -13.20 18.28
C VAL B 11 9.47 -12.58 19.40
N ASP B 12 8.88 -12.51 20.59
CA ASP B 12 9.61 -12.15 21.81
C ASP B 12 9.49 -13.31 22.79
N PRO B 13 10.47 -14.20 22.87
CA PRO B 13 10.29 -15.41 23.69
C PRO B 13 10.00 -15.14 25.15
N LYS B 14 10.48 -14.01 25.70
CA LYS B 14 10.36 -13.79 27.14
C LYS B 14 9.00 -13.27 27.55
N LEU B 15 8.40 -12.36 26.78
CA LEU B 15 7.21 -11.66 27.24
C LEU B 15 6.32 -11.32 26.05
N ASP B 16 5.01 -11.39 26.28
CA ASP B 16 4.00 -11.02 25.30
C ASP B 16 2.80 -10.44 26.03
N LEU B 17 2.18 -9.44 25.42
CA LEU B 17 0.99 -8.80 25.96
C LEU B 17 -0.15 -8.97 24.97
N LEU B 18 -1.16 -9.74 25.36
CA LEU B 18 -2.29 -10.09 24.50
C LEU B 18 -3.59 -9.81 25.23
N GLN B 19 -4.68 -9.79 24.47
CA GLN B 19 -6.00 -9.55 25.04
C GLN B 19 -6.42 -10.76 25.90
N ALA B 20 -7.34 -10.49 26.83
CA ALA B 20 -7.79 -11.54 27.74
C ALA B 20 -8.45 -12.70 27.00
N ASP B 21 -8.97 -12.44 25.81
CA ASP B 21 -9.65 -13.49 25.04
C ASP B 21 -8.69 -14.31 24.17
N GLY B 22 -7.40 -14.03 24.23
CA GLY B 22 -6.41 -14.78 23.47
C GLY B 22 -5.99 -14.13 22.17
N THR B 23 -6.73 -13.16 21.67
CA THR B 23 -6.36 -12.48 20.45
C THR B 23 -5.30 -11.41 20.73
N SER B 24 -4.59 -11.01 19.67
CA SER B 24 -3.55 -10.02 19.82
C SER B 24 -4.14 -8.62 20.01
N LEU B 25 -3.31 -7.72 20.53
CA LEU B 25 -3.75 -6.35 20.74
C LEU B 25 -4.06 -5.70 19.40
N PRO B 26 -5.04 -4.81 19.36
CA PRO B 26 -5.33 -4.10 18.10
C PRO B 26 -4.13 -3.28 17.65
N ASP B 27 -3.89 -3.26 16.34
CA ASP B 27 -2.79 -2.48 15.79
C ASP B 27 -3.10 -0.99 15.76
N SER B 28 -4.37 -0.61 15.80
CA SER B 28 -4.77 0.79 15.79
C SER B 28 -6.01 0.95 16.67
N ILE B 29 -6.18 2.14 17.23
CA ILE B 29 -7.37 2.48 18.01
C ILE B 29 -7.86 3.85 17.58
N ALA B 30 -9.14 4.10 17.80
CA ALA B 30 -9.79 5.35 17.42
C ALA B 30 -10.43 5.98 18.64
N LEU B 31 -10.17 7.27 18.84
CA LEU B 31 -10.78 8.04 19.91
C LEU B 31 -11.92 8.88 19.36
N THR B 32 -13.00 8.99 20.14
CA THR B 32 -14.19 9.71 19.74
C THR B 32 -14.27 11.02 20.50
N TYR B 33 -14.43 12.12 19.77
CA TYR B 33 -14.53 13.44 20.37
C TYR B 33 -15.96 13.69 20.86
N SER B 34 -16.06 14.58 21.87
CA SER B 34 -17.36 14.93 22.43
C SER B 34 -17.39 16.46 22.56
N SER B 35 -18.21 17.10 21.73
CA SER B 35 -18.29 18.55 21.74
C SER B 35 -18.82 19.11 23.05
N ALA B 36 -19.71 18.38 23.73
CA ALA B 36 -20.27 18.88 24.97
C ALA B 36 -19.19 19.03 26.05
N SER B 37 -18.37 18.00 26.24
CA SER B 37 -17.31 18.05 27.23
C SER B 37 -16.01 18.61 26.70
N ASN B 38 -15.90 18.80 25.38
CA ASN B 38 -14.69 19.33 24.76
C ASN B 38 -13.49 18.49 25.15
N ASN B 39 -13.68 17.18 25.18
CA ASN B 39 -12.63 16.25 25.58
C ASN B 39 -12.90 14.88 24.98
N PHE B 40 -11.84 14.09 24.89
CA PHE B 40 -11.96 12.70 24.47
C PHE B 40 -12.37 11.82 25.65
N GLU B 41 -13.03 10.71 25.35
CA GLU B 41 -13.43 9.78 26.38
C GLU B 41 -12.34 8.73 26.59
N VAL B 42 -12.36 8.10 27.77
CA VAL B 42 -11.33 7.13 28.12
C VAL B 42 -11.52 5.86 27.29
N TYR B 43 -10.44 5.40 26.69
CA TYR B 43 -10.43 4.16 25.92
C TYR B 43 -9.83 3.05 26.78
N SER B 44 -10.59 1.97 26.96
CA SER B 44 -10.20 0.88 27.85
C SER B 44 -10.16 -0.43 27.09
N LEU B 45 -9.16 -1.27 27.41
CA LEU B 45 -9.00 -2.56 26.80
C LEU B 45 -8.48 -3.55 27.84
N ASN B 46 -8.97 -4.78 27.78
CA ASN B 46 -8.53 -5.83 28.71
C ASN B 46 -7.36 -6.59 28.11
N THR B 47 -6.28 -6.74 28.88
CA THR B 47 -5.07 -7.37 28.41
C THR B 47 -4.56 -8.36 29.46
N ALA B 48 -3.80 -9.35 28.99
CA ALA B 48 -3.19 -10.35 29.85
C ALA B 48 -1.73 -10.51 29.46
N ILE B 49 -0.85 -10.54 30.46
CA ILE B 49 0.58 -10.64 30.22
C ILE B 49 0.98 -12.10 30.16
N HIS B 50 1.68 -12.48 29.10
CA HIS B 50 2.24 -13.81 28.94
C HIS B 50 3.73 -13.77 29.24
N THR B 51 4.21 -14.77 29.99
CA THR B 51 5.58 -14.79 30.47
C THR B 51 6.22 -16.14 30.22
N ASN B 52 7.55 -16.12 30.09
CA ASN B 52 8.29 -17.37 29.94
C ASN B 52 8.39 -18.13 31.25
N ASP B 53 8.62 -17.42 32.36
CA ASP B 53 8.68 -18.02 33.68
C ASP B 53 7.79 -17.21 34.62
N LYS B 54 7.02 -17.91 35.46
CA LYS B 54 6.06 -17.26 36.33
C LYS B 54 6.67 -16.76 37.63
N SER B 55 7.94 -17.07 37.90
CA SER B 55 8.54 -16.72 39.18
C SER B 55 9.23 -15.36 39.16
N LYS B 56 9.25 -14.66 38.03
CA LYS B 56 9.99 -13.41 37.89
C LYS B 56 9.06 -12.34 37.32
N GLY B 57 9.08 -11.16 37.93
CA GLY B 57 8.10 -10.14 37.64
C GLY B 57 8.35 -9.40 36.34
N VAL B 58 7.54 -8.36 36.13
CA VAL B 58 7.53 -7.58 34.90
C VAL B 58 7.65 -6.10 35.24
N VAL B 59 8.41 -5.37 34.44
CA VAL B 59 8.52 -3.92 34.54
C VAL B 59 8.14 -3.32 33.19
N VAL B 60 7.31 -2.27 33.23
CA VAL B 60 6.70 -1.70 32.03
C VAL B 60 7.06 -0.23 31.94
N LYS B 61 7.30 0.24 30.71
CA LYS B 61 7.62 1.64 30.47
C LYS B 61 7.22 2.01 29.05
N LEU B 62 7.21 3.30 28.77
CA LEU B 62 6.98 3.82 27.42
C LEU B 62 8.29 4.35 26.85
N SER B 63 8.49 4.14 25.56
CA SER B 63 9.71 4.64 24.92
C SER B 63 9.78 6.17 24.99
N ALA B 64 8.66 6.85 24.74
CA ALA B 64 8.61 8.30 24.83
C ALA B 64 7.19 8.71 25.18
N SER B 65 7.07 9.90 25.74
CA SER B 65 5.76 10.41 26.16
C SER B 65 4.86 10.58 24.94
N PRO B 66 3.84 9.74 24.75
CA PRO B 66 3.00 9.88 23.56
C PRO B 66 2.21 11.17 23.56
N VAL B 67 2.01 11.72 22.37
CA VAL B 67 1.22 12.93 22.18
C VAL B 67 0.37 12.77 20.93
N LEU B 68 -0.91 13.11 21.04
CA LEU B 68 -1.83 13.06 19.91
C LEU B 68 -1.78 14.41 19.20
N SER B 69 -1.13 14.46 18.03
CA SER B 69 -0.87 15.70 17.33
C SER B 69 -1.57 15.71 15.98
N ASN B 70 -2.04 16.89 15.59
CA ASN B 70 -2.70 17.06 14.30
C ASN B 70 -1.73 16.77 13.17
N ILE B 71 -2.20 16.03 12.15
CA ILE B 71 -1.34 15.69 11.03
C ILE B 71 -0.96 16.90 10.19
N MET B 72 -1.86 17.88 10.05
CA MET B 72 -1.58 19.04 9.22
C MET B 72 -0.85 20.16 9.96
N LYS B 73 -1.22 20.41 11.22
CA LYS B 73 -0.63 21.49 12.00
C LYS B 73 -0.19 20.93 13.35
N PRO B 74 1.03 20.39 13.43
CA PRO B 74 1.46 19.76 14.69
C PRO B 74 1.55 20.72 15.87
N ASN B 75 1.35 22.02 15.67
CA ASN B 75 1.36 22.95 16.78
C ASN B 75 0.29 22.63 17.82
N SER B 76 -0.81 22.01 17.40
CA SER B 76 -1.88 21.58 18.30
C SER B 76 -1.73 20.09 18.55
N GLN B 77 -1.62 19.71 19.83
CA GLN B 77 -1.45 18.31 20.18
C GLN B 77 -2.03 18.08 21.57
N ILE B 78 -2.42 16.84 21.83
CA ILE B 78 -3.05 16.45 23.08
C ILE B 78 -2.23 15.32 23.72
N PRO B 79 -1.53 15.57 24.82
CA PRO B 79 -0.80 14.47 25.48
C PRO B 79 -1.76 13.38 25.92
N MET B 80 -1.30 12.14 25.79
CA MET B 80 -2.10 10.97 26.14
C MET B 80 -1.54 10.33 27.40
N LYS B 81 -2.42 10.05 28.37
CA LYS B 81 -2.06 9.39 29.61
C LYS B 81 -2.37 7.91 29.48
N VAL B 82 -1.35 7.07 29.63
CA VAL B 82 -1.47 5.63 29.48
C VAL B 82 -1.28 4.99 30.85
N THR B 83 -2.22 4.12 31.24
CA THR B 83 -2.17 3.42 32.50
C THR B 83 -2.40 1.94 32.26
N LEU B 84 -1.60 1.10 32.92
CA LEU B 84 -1.73 -0.35 32.84
C LEU B 84 -1.80 -0.92 34.24
N GLY B 85 -2.80 -1.76 34.49
CA GLY B 85 -2.97 -2.36 35.80
C GLY B 85 -3.31 -1.37 36.89
N GLY B 86 -3.89 -0.23 36.53
CA GLY B 86 -4.28 0.78 37.50
C GLY B 86 -3.20 1.78 37.86
N LYS B 87 -1.98 1.64 37.35
CA LYS B 87 -0.90 2.56 37.63
C LYS B 87 -0.45 3.24 36.34
N THR B 88 -0.29 4.55 36.40
CA THR B 88 0.02 5.34 35.21
C THR B 88 1.43 5.02 34.70
N LEU B 89 1.54 4.78 33.40
CA LEU B 89 2.83 4.53 32.79
C LEU B 89 3.51 5.84 32.41
N ASN B 90 4.83 5.86 32.54
CA ASN B 90 5.63 7.03 32.21
C ASN B 90 6.91 6.57 31.54
N THR B 91 7.69 7.54 31.05
CA THR B 91 8.99 7.23 30.46
C THR B 91 9.91 6.57 31.47
N THR B 92 9.68 6.78 32.77
CA THR B 92 10.40 6.09 33.82
C THR B 92 9.64 4.82 34.17
N ASP B 93 10.35 3.70 34.24
CA ASP B 93 9.69 2.40 34.32
C ASP B 93 8.98 2.22 35.66
N THR B 94 7.93 1.40 35.62
CA THR B 94 7.18 1.01 36.81
C THR B 94 7.15 -0.51 36.88
N GLU B 95 7.25 -1.03 38.10
CA GLU B 95 7.41 -2.46 38.33
C GLU B 95 6.08 -3.07 38.76
N PHE B 96 5.75 -4.21 38.15
CA PHE B 96 4.59 -5.02 38.54
C PHE B 96 5.12 -6.25 39.27
N THR B 97 4.87 -6.29 40.58
CA THR B 97 5.38 -7.39 41.40
C THR B 97 4.70 -8.70 40.99
N VAL B 98 5.41 -9.81 41.20
CA VAL B 98 4.91 -11.11 40.74
C VAL B 98 3.61 -11.47 41.44
N ASP B 99 3.53 -11.24 42.76
CA ASP B 99 2.33 -11.63 43.50
C ASP B 99 1.11 -10.83 43.07
N THR B 100 1.30 -9.69 42.42
CA THR B 100 0.18 -8.88 41.94
C THR B 100 -0.24 -9.23 40.51
N LEU B 101 0.45 -10.17 39.86
CA LEU B 101 0.13 -10.54 38.49
C LEU B 101 -0.70 -11.82 38.41
N ASN B 102 -0.64 -12.67 39.44
CA ASN B 102 -1.47 -13.87 39.50
C ASN B 102 -1.30 -14.74 38.27
N PHE B 103 -0.07 -15.20 38.06
CA PHE B 103 0.21 -16.10 36.94
C PHE B 103 -0.44 -17.46 37.16
N GLY B 104 -1.23 -17.91 36.19
CA GLY B 104 -1.85 -19.22 36.23
C GLY B 104 -3.24 -19.26 36.82
N THR B 105 -3.68 -18.19 37.50
CA THR B 105 -5.00 -18.18 38.12
C THR B 105 -6.11 -18.20 37.08
N SER B 106 -5.82 -17.87 35.83
CA SER B 106 -6.83 -17.89 34.77
C SER B 106 -7.08 -19.28 34.21
N GLY B 107 -6.32 -20.29 34.66
CA GLY B 107 -6.44 -21.64 34.17
C GLY B 107 -5.39 -22.06 33.17
N VAL B 108 -4.65 -21.10 32.61
CA VAL B 108 -3.60 -21.37 31.64
C VAL B 108 -2.26 -20.98 32.28
N GLU B 109 -1.30 -21.90 32.22
CA GLU B 109 -0.02 -21.66 32.86
C GLU B 109 0.71 -20.49 32.19
N ASN B 110 1.38 -19.69 33.02
CA ASN B 110 2.20 -18.56 32.58
C ASN B 110 1.39 -17.44 31.95
N VAL B 111 0.09 -17.36 32.23
CA VAL B 111 -0.76 -16.28 31.74
C VAL B 111 -1.22 -15.45 32.92
N SER B 112 -0.96 -14.15 32.86
CA SER B 112 -1.24 -13.27 33.99
C SER B 112 -2.73 -12.95 34.08
N SER B 113 -3.09 -12.25 35.16
CA SER B 113 -4.45 -11.80 35.35
C SER B 113 -4.77 -10.65 34.39
N THR B 114 -6.06 -10.43 34.18
CA THR B 114 -6.50 -9.37 33.28
C THR B 114 -6.01 -8.02 33.79
N GLN B 115 -5.28 -7.32 32.95
CA GLN B 115 -4.75 -5.99 33.27
C GLN B 115 -5.51 -4.95 32.46
N GLN B 116 -5.98 -3.91 33.14
CA GLN B 116 -6.73 -2.86 32.46
C GLN B 116 -5.78 -1.90 31.77
N LEU B 117 -5.88 -1.80 30.45
CA LEU B 117 -5.09 -0.86 29.67
C LEU B 117 -5.97 0.31 29.26
N THR B 118 -5.51 1.52 29.54
CA THR B 118 -6.32 2.72 29.36
C THR B 118 -5.52 3.78 28.61
N ILE B 119 -6.12 4.34 27.56
CA ILE B 119 -5.57 5.45 26.81
C ILE B 119 -6.54 6.62 26.92
N HIS B 120 -6.03 7.78 27.34
CA HIS B 120 -6.86 8.96 27.55
C HIS B 120 -6.12 10.19 27.05
N ALA B 121 -6.53 10.69 25.88
CA ALA B 121 -5.96 11.92 25.31
C ALA B 121 -6.75 13.08 25.88
N ASP B 122 -6.42 13.45 27.11
CA ASP B 122 -7.21 14.40 27.88
C ASP B 122 -6.78 15.84 27.58
N THR B 123 -7.74 16.66 27.17
CA THR B 123 -7.52 18.10 27.12
C THR B 123 -8.02 18.73 28.43
N GLN B 124 -7.44 19.89 28.75
CA GLN B 124 -7.82 20.57 29.99
C GLN B 124 -9.11 21.36 29.77
N GLY B 125 -10.16 20.68 29.32
CA GLY B 125 -11.41 21.38 29.02
C GLY B 125 -11.26 22.40 27.92
N THR B 126 -10.33 22.18 26.99
CA THR B 126 -10.07 23.10 25.90
C THR B 126 -10.31 22.38 24.58
N ALA B 127 -11.12 22.97 23.72
CA ALA B 127 -11.47 22.31 22.48
C ALA B 127 -10.28 22.33 21.52
N PRO B 128 -9.81 21.18 21.04
CA PRO B 128 -8.78 21.18 20.00
C PRO B 128 -9.33 21.69 18.69
N GLU B 129 -8.41 22.18 17.85
CA GLU B 129 -8.80 22.73 16.57
C GLU B 129 -9.32 21.63 15.65
N ALA B 130 -10.29 22.01 14.80
CA ALA B 130 -10.94 21.04 13.94
C ALA B 130 -9.93 20.39 13.00
N GLY B 131 -10.13 19.10 12.75
CA GLY B 131 -9.25 18.32 11.91
C GLY B 131 -9.13 16.91 12.45
N ASN B 132 -8.27 16.13 11.79
CA ASN B 132 -8.02 14.76 12.19
C ASN B 132 -6.63 14.64 12.80
N TYR B 133 -6.51 13.86 13.87
CA TYR B 133 -5.29 13.74 14.66
C TYR B 133 -4.74 12.33 14.54
N GLN B 134 -3.44 12.20 14.81
CA GLN B 134 -2.77 10.91 14.79
C GLN B 134 -1.63 10.91 15.80
N GLY B 135 -1.42 9.75 16.42
CA GLY B 135 -0.36 9.57 17.39
C GLY B 135 0.05 8.12 17.46
N ILE B 136 1.06 7.85 18.28
CA ILE B 136 1.59 6.50 18.45
C ILE B 136 1.91 6.26 19.92
N ILE B 137 1.62 5.04 20.38
CA ILE B 137 1.93 4.60 21.74
C ILE B 137 2.95 3.48 21.64
N SER B 138 4.06 3.61 22.35
CA SER B 138 5.14 2.63 22.34
C SER B 138 5.25 2.03 23.74
N LEU B 139 4.55 0.92 23.95
CA LEU B 139 4.48 0.28 25.26
C LEU B 139 5.61 -0.74 25.37
N ILE B 140 6.66 -0.39 26.09
CA ILE B 140 7.77 -1.30 26.36
C ILE B 140 7.42 -2.16 27.57
N MET B 141 7.83 -3.43 27.53
CA MET B 141 7.58 -4.35 28.63
C MET B 141 8.77 -5.28 28.76
N THR B 142 9.30 -5.38 29.99
CA THR B 142 10.48 -6.18 30.27
C THR B 142 10.25 -6.93 31.57
N GLN B 143 10.99 -8.04 31.73
CA GLN B 143 11.01 -8.77 33.01
C GLN B 143 12.00 -8.12 33.98
N LYS B 144 11.67 -8.18 35.27
CA LYS B 144 12.49 -7.59 36.32
C LYS B 144 12.80 -8.65 37.37
N THR B 145 13.99 -8.57 37.94
CA THR B 145 14.42 -9.50 38.98
C THR B 145 13.48 -9.44 40.18
N VAL C 1 -0.71 15.61 -16.10
CA VAL C 1 -1.96 15.88 -15.31
C VAL C 1 -1.68 15.62 -13.84
N GLU C 2 -2.75 15.65 -13.03
CA GLU C 2 -2.66 15.38 -11.62
C GLU C 2 -3.48 14.15 -11.26
N LYS C 3 -3.04 13.43 -10.23
CA LYS C 3 -3.73 12.26 -9.73
C LYS C 3 -3.80 11.16 -10.79
N ASN C 4 -2.63 10.69 -11.21
CA ASN C 4 -2.54 9.53 -12.07
C ASN C 4 -2.57 8.26 -11.22
N ILE C 5 -3.48 7.35 -11.55
CA ILE C 5 -3.68 6.11 -10.81
C ILE C 5 -3.41 4.94 -11.74
N THR C 6 -2.56 4.01 -11.30
CA THR C 6 -2.26 2.81 -12.07
C THR C 6 -3.12 1.67 -11.57
N VAL C 7 -3.81 1.00 -12.50
CA VAL C 7 -4.72 -0.09 -12.17
C VAL C 7 -4.10 -1.40 -12.64
N ARG C 8 -4.11 -2.40 -11.77
CA ARG C 8 -3.55 -3.71 -12.07
C ARG C 8 -4.57 -4.78 -11.70
N ALA C 9 -4.50 -5.90 -12.43
CA ALA C 9 -5.43 -7.00 -12.19
C ALA C 9 -4.83 -8.28 -12.75
N SER C 10 -5.03 -9.37 -12.02
CA SER C 10 -4.63 -10.70 -12.45
C SER C 10 -5.89 -11.54 -12.67
N VAL C 11 -6.01 -12.13 -13.85
CA VAL C 11 -7.22 -12.80 -14.29
C VAL C 11 -6.93 -14.28 -14.48
N ASP C 12 -7.70 -15.12 -13.77
CA ASP C 12 -7.71 -16.56 -14.03
C ASP C 12 -9.13 -16.94 -14.42
N PRO C 13 -9.44 -17.10 -15.70
CA PRO C 13 -10.85 -17.29 -16.09
C PRO C 13 -11.49 -18.52 -15.51
N LYS C 14 -10.72 -19.54 -15.13
CA LYS C 14 -11.31 -20.79 -14.70
C LYS C 14 -11.61 -20.83 -13.21
N LEU C 15 -10.70 -20.35 -12.36
CA LEU C 15 -10.87 -20.47 -10.92
C LEU C 15 -10.45 -19.18 -10.24
N ASP C 16 -11.08 -18.91 -9.10
CA ASP C 16 -10.70 -17.82 -8.22
C ASP C 16 -11.11 -18.17 -6.80
N LEU C 17 -10.26 -17.83 -5.84
CA LEU C 17 -10.51 -18.06 -4.43
C LEU C 17 -10.69 -16.71 -3.74
N LEU C 18 -11.90 -16.48 -3.24
CA LEU C 18 -12.26 -15.21 -2.61
C LEU C 18 -12.88 -15.49 -1.25
N GLN C 19 -12.94 -14.44 -0.42
CA GLN C 19 -13.55 -14.57 0.89
C GLN C 19 -15.06 -14.77 0.76
N ALA C 20 -15.65 -15.32 1.83
CA ALA C 20 -17.08 -15.60 1.82
C ALA C 20 -17.90 -14.32 1.64
N ASP C 21 -17.34 -13.17 2.02
CA ASP C 21 -18.06 -11.91 1.90
C ASP C 21 -17.91 -11.26 0.54
N GLY C 22 -17.18 -11.89 -0.39
CA GLY C 22 -17.02 -11.37 -1.73
C GLY C 22 -15.71 -10.65 -1.98
N THR C 23 -14.99 -10.24 -0.94
CA THR C 23 -13.74 -9.56 -1.12
C THR C 23 -12.61 -10.56 -1.39
N SER C 24 -11.50 -10.05 -1.92
CA SER C 24 -10.37 -10.90 -2.24
C SER C 24 -9.62 -11.32 -0.97
N LEU C 25 -8.86 -12.40 -1.09
CA LEU C 25 -8.09 -12.88 0.04
C LEU C 25 -7.04 -11.83 0.41
N PRO C 26 -6.70 -11.72 1.70
CA PRO C 26 -5.67 -10.76 2.09
C PRO C 26 -4.33 -11.08 1.44
N ASP C 27 -3.62 -10.03 1.03
CA ASP C 27 -2.31 -10.19 0.42
C ASP C 27 -1.23 -10.50 1.46
N SER C 28 -1.49 -10.22 2.73
CA SER C 28 -0.52 -10.47 3.80
C SER C 28 -1.30 -10.82 5.06
N ILE C 29 -0.66 -11.63 5.93
CA ILE C 29 -1.25 -11.99 7.21
C ILE C 29 -0.17 -11.88 8.29
N ALA C 30 -0.61 -11.76 9.54
CA ALA C 30 0.28 -11.65 10.68
C ALA C 30 -0.09 -12.73 11.70
N LEU C 31 0.93 -13.39 12.25
CA LEU C 31 0.74 -14.42 13.26
C LEU C 31 1.03 -13.86 14.64
N THR C 32 0.34 -14.42 15.64
CA THR C 32 0.44 -13.96 17.02
C THR C 32 1.23 -14.98 17.83
N TYR C 33 2.32 -14.52 18.44
CA TYR C 33 3.12 -15.38 19.31
C TYR C 33 2.62 -15.29 20.75
N SER C 34 2.80 -16.39 21.47
CA SER C 34 2.40 -16.46 22.89
C SER C 34 3.51 -17.17 23.64
N SER C 35 4.26 -16.41 24.44
CA SER C 35 5.39 -16.98 25.17
C SER C 35 4.97 -18.01 26.20
N ALA C 36 3.73 -17.95 26.69
CA ALA C 36 3.28 -18.93 27.68
C ALA C 36 3.29 -20.33 27.09
N SER C 37 2.78 -20.49 25.88
CA SER C 37 2.77 -21.79 25.20
C SER C 37 3.96 -21.99 24.28
N ASN C 38 4.74 -20.94 24.03
CA ASN C 38 5.91 -21.03 23.15
C ASN C 38 5.51 -21.57 21.78
N ASN C 39 4.38 -21.08 21.26
CA ASN C 39 3.88 -21.53 19.98
C ASN C 39 3.01 -20.44 19.37
N PHE C 40 2.85 -20.50 18.05
CA PHE C 40 2.02 -19.53 17.34
C PHE C 40 0.55 -19.95 17.38
N GLU C 41 -0.33 -18.98 17.24
CA GLU C 41 -1.76 -19.23 17.21
C GLU C 41 -2.22 -19.59 15.82
N VAL C 42 -3.37 -20.27 15.75
CA VAL C 42 -3.90 -20.71 14.47
C VAL C 42 -4.65 -19.57 13.79
N TYR C 43 -4.30 -19.30 12.54
CA TYR C 43 -4.95 -18.27 11.74
C TYR C 43 -5.96 -18.93 10.80
N SER C 44 -7.20 -18.47 10.87
CA SER C 44 -8.30 -19.05 10.09
C SER C 44 -8.99 -17.97 9.28
N LEU C 45 -9.42 -18.33 8.07
CA LEU C 45 -10.08 -17.41 7.16
C LEU C 45 -11.16 -18.15 6.40
N ASN C 46 -12.28 -17.47 6.13
CA ASN C 46 -13.35 -18.06 5.34
C ASN C 46 -13.15 -17.73 3.87
N THR C 47 -13.20 -18.75 3.01
CA THR C 47 -12.96 -18.59 1.60
C THR C 47 -14.02 -19.36 0.80
N ALA C 48 -14.25 -18.90 -0.43
CA ALA C 48 -15.21 -19.53 -1.33
C ALA C 48 -14.58 -19.67 -2.69
N ILE C 49 -14.72 -20.85 -3.29
CA ILE C 49 -14.13 -21.14 -4.58
C ILE C 49 -15.09 -20.73 -5.69
N HIS C 50 -14.58 -19.99 -6.66
CA HIS C 50 -15.33 -19.59 -7.84
C HIS C 50 -14.87 -20.41 -9.04
N THR C 51 -15.81 -20.92 -9.83
CA THR C 51 -15.51 -21.80 -10.94
C THR C 51 -16.26 -21.34 -12.19
N ASN C 52 -15.63 -21.57 -13.34
CA ASN C 52 -16.27 -21.27 -14.62
C ASN C 52 -17.47 -22.18 -14.87
N ASP C 53 -17.31 -23.47 -14.56
CA ASP C 53 -18.39 -24.45 -14.70
C ASP C 53 -18.53 -25.20 -13.38
N LYS C 54 -19.77 -25.40 -12.95
CA LYS C 54 -20.04 -26.05 -11.67
C LYS C 54 -20.00 -27.57 -11.76
N SER C 55 -19.83 -28.14 -12.96
CA SER C 55 -19.87 -29.59 -13.13
C SER C 55 -18.50 -30.24 -12.98
N LYS C 56 -17.45 -29.47 -12.69
CA LYS C 56 -16.09 -30.00 -12.61
C LYS C 56 -15.51 -29.70 -11.24
N GLY C 57 -14.79 -30.67 -10.69
CA GLY C 57 -14.22 -30.52 -9.37
C GLY C 57 -12.99 -29.62 -9.36
N VAL C 58 -12.42 -29.47 -8.16
CA VAL C 58 -11.29 -28.59 -7.93
C VAL C 58 -10.19 -29.38 -7.22
N VAL C 59 -8.94 -29.09 -7.56
CA VAL C 59 -7.77 -29.69 -6.93
C VAL C 59 -6.87 -28.57 -6.43
N VAL C 60 -6.36 -28.73 -5.21
CA VAL C 60 -5.56 -27.71 -4.54
C VAL C 60 -4.24 -28.32 -4.12
N LYS C 61 -3.16 -27.55 -4.28
CA LYS C 61 -1.83 -27.99 -3.90
C LYS C 61 -0.95 -26.78 -3.65
N LEU C 62 0.18 -27.01 -3.01
CA LEU C 62 1.16 -25.97 -2.73
C LEU C 62 2.37 -26.13 -3.63
N SER C 63 2.85 -25.01 -4.17
CA SER C 63 4.02 -25.06 -5.05
C SER C 63 5.25 -25.56 -4.31
N ALA C 64 5.44 -25.12 -3.07
CA ALA C 64 6.55 -25.59 -2.26
C ALA C 64 6.12 -25.58 -0.80
N SER C 65 6.79 -26.39 0.00
CA SER C 65 6.46 -26.50 1.42
C SER C 65 6.66 -25.14 2.10
N PRO C 66 5.60 -24.44 2.49
CA PRO C 66 5.80 -23.13 3.12
C PRO C 66 6.51 -23.23 4.46
N VAL C 67 7.46 -22.35 4.68
CA VAL C 67 8.26 -22.32 5.90
C VAL C 67 8.38 -20.88 6.38
N LEU C 68 8.17 -20.66 7.66
CA LEU C 68 8.35 -19.34 8.27
C LEU C 68 9.78 -19.26 8.79
N SER C 69 10.58 -18.37 8.20
CA SER C 69 11.99 -18.26 8.50
C SER C 69 12.36 -16.85 8.92
N ASN C 70 13.32 -16.74 9.82
CA ASN C 70 13.80 -15.44 10.28
C ASN C 70 14.53 -14.73 9.15
N ILE C 71 14.29 -13.41 9.04
CA ILE C 71 14.95 -12.64 8.00
C ILE C 71 16.44 -12.48 8.27
N MET C 72 16.83 -12.25 9.52
CA MET C 72 18.24 -12.10 9.87
C MET C 72 19.01 -13.40 9.80
N LYS C 73 18.45 -14.49 10.34
CA LYS C 73 19.14 -15.77 10.41
C LYS C 73 18.23 -16.86 9.86
N PRO C 74 18.29 -17.11 8.55
CA PRO C 74 17.40 -18.13 7.97
C PRO C 74 17.58 -19.53 8.53
N ASN C 75 18.63 -19.77 9.33
CA ASN C 75 18.82 -21.07 9.94
C ASN C 75 17.69 -21.41 10.92
N SER C 76 17.10 -20.41 11.56
CA SER C 76 15.97 -20.61 12.46
C SER C 76 14.68 -20.40 11.67
N GLN C 77 13.85 -21.44 11.61
CA GLN C 77 12.63 -21.38 10.82
C GLN C 77 11.60 -22.31 11.44
N ILE C 78 10.33 -22.02 11.13
CA ILE C 78 9.20 -22.79 11.65
C ILE C 78 8.34 -23.27 10.49
N PRO C 79 8.29 -24.56 10.19
CA PRO C 79 7.41 -25.04 9.13
C PRO C 79 5.96 -24.69 9.42
N MET C 80 5.22 -24.35 8.36
CA MET C 80 3.83 -23.96 8.47
C MET C 80 2.95 -24.99 7.78
N LYS C 81 1.85 -25.37 8.44
CA LYS C 81 0.90 -26.35 7.91
C LYS C 81 -0.33 -25.61 7.42
N VAL C 82 -0.69 -25.84 6.17
CA VAL C 82 -1.83 -25.19 5.52
C VAL C 82 -2.90 -26.24 5.27
N THR C 83 -4.14 -25.95 5.68
CA THR C 83 -5.27 -26.83 5.47
C THR C 83 -6.43 -26.03 4.91
N LEU C 84 -7.06 -26.58 3.87
CA LEU C 84 -8.21 -25.95 3.22
C LEU C 84 -9.35 -26.94 3.17
N GLY C 85 -10.54 -26.51 3.59
CA GLY C 85 -11.70 -27.39 3.57
C GLY C 85 -11.63 -28.51 4.58
N GLY C 86 -10.80 -28.36 5.62
CA GLY C 86 -10.67 -29.37 6.64
C GLY C 86 -9.66 -30.46 6.35
N LYS C 87 -9.04 -30.46 5.18
CA LYS C 87 -8.02 -31.44 4.81
C LYS C 87 -6.70 -30.75 4.57
N THR C 88 -5.63 -31.33 5.13
CA THR C 88 -4.31 -30.71 5.07
C THR C 88 -3.81 -30.67 3.62
N LEU C 89 -3.22 -29.55 3.24
CA LEU C 89 -2.63 -29.41 1.91
C LEU C 89 -1.15 -29.77 1.94
N ASN C 90 -0.65 -30.21 0.79
CA ASN C 90 0.74 -30.61 0.66
C ASN C 90 1.18 -30.37 -0.78
N THR C 91 2.50 -30.48 -1.00
CA THR C 91 3.03 -30.35 -2.35
C THR C 91 2.42 -31.39 -3.29
N THR C 92 1.94 -32.51 -2.76
CA THR C 92 1.18 -33.49 -3.53
C THR C 92 -0.29 -33.08 -3.50
N ASP C 93 -0.89 -32.97 -4.67
CA ASP C 93 -2.20 -32.36 -4.78
C ASP C 93 -3.27 -33.22 -4.11
N THR C 94 -4.30 -32.53 -3.60
CA THR C 94 -5.47 -33.16 -3.00
C THR C 94 -6.71 -32.72 -3.76
N GLU C 95 -7.66 -33.65 -3.90
CA GLU C 95 -8.83 -33.44 -4.75
C GLU C 95 -10.04 -33.09 -3.89
N PHE C 96 -10.79 -32.08 -4.33
CA PHE C 96 -12.07 -31.71 -3.73
C PHE C 96 -13.16 -32.12 -4.72
N THR C 97 -13.91 -33.15 -4.36
CA THR C 97 -14.95 -33.66 -5.26
C THR C 97 -16.06 -32.64 -5.41
N VAL C 98 -16.76 -32.70 -6.55
CA VAL C 98 -17.74 -31.68 -6.89
C VAL C 98 -18.87 -31.66 -5.87
N ASP C 99 -19.35 -32.84 -5.46
CA ASP C 99 -20.49 -32.89 -4.55
C ASP C 99 -20.15 -32.33 -3.18
N THR C 100 -18.87 -32.23 -2.84
CA THR C 100 -18.45 -31.68 -1.55
C THR C 100 -18.24 -30.17 -1.58
N LEU C 101 -18.35 -29.53 -2.75
CA LEU C 101 -18.15 -28.10 -2.86
C LEU C 101 -19.45 -27.32 -2.82
N ASN C 102 -20.58 -27.95 -3.12
CA ASN C 102 -21.90 -27.32 -3.01
C ASN C 102 -21.96 -26.04 -3.82
N PHE C 103 -21.59 -26.12 -5.10
CA PHE C 103 -21.66 -24.98 -5.99
C PHE C 103 -23.09 -24.49 -6.14
N GLY C 104 -23.33 -23.22 -5.82
CA GLY C 104 -24.62 -22.59 -6.02
C GLY C 104 -25.51 -22.58 -4.80
N THR C 105 -25.16 -23.31 -3.74
CA THR C 105 -26.01 -23.35 -2.56
C THR C 105 -25.99 -22.03 -1.78
N SER C 106 -24.96 -21.21 -1.98
CA SER C 106 -24.88 -19.92 -1.29
C SER C 106 -25.88 -18.90 -1.83
N GLY C 107 -26.55 -19.21 -2.94
CA GLY C 107 -27.48 -18.30 -3.57
C GLY C 107 -26.94 -17.62 -4.82
N VAL C 108 -25.62 -17.65 -5.01
CA VAL C 108 -24.98 -17.09 -6.20
C VAL C 108 -24.45 -18.25 -7.04
N GLU C 109 -24.78 -18.25 -8.32
CA GLU C 109 -24.41 -19.34 -9.20
C GLU C 109 -22.89 -19.44 -9.33
N ASN C 110 -22.39 -20.68 -9.39
CA ASN C 110 -20.98 -21.00 -9.60
C ASN C 110 -20.09 -20.56 -8.44
N VAL C 111 -20.65 -20.39 -7.25
CA VAL C 111 -19.89 -20.04 -6.05
C VAL C 111 -19.96 -21.21 -5.07
N SER C 112 -18.82 -21.67 -4.61
CA SER C 112 -18.77 -22.85 -3.75
C SER C 112 -19.14 -22.51 -2.31
N SER C 113 -19.20 -23.54 -1.48
CA SER C 113 -19.46 -23.36 -0.06
C SER C 113 -18.21 -22.81 0.63
N THR C 114 -18.43 -22.17 1.77
CA THR C 114 -17.33 -21.62 2.54
C THR C 114 -16.34 -22.71 2.91
N GLN C 115 -15.07 -22.49 2.58
CA GLN C 115 -14.00 -23.43 2.88
C GLN C 115 -13.09 -22.80 3.93
N GLN C 116 -12.81 -23.55 4.99
CA GLN C 116 -11.98 -23.04 6.08
C GLN C 116 -10.51 -23.14 5.68
N LEU C 117 -9.84 -21.99 5.57
CA LEU C 117 -8.42 -21.93 5.30
C LEU C 117 -7.68 -21.64 6.60
N THR C 118 -6.72 -22.51 6.93
CA THR C 118 -6.05 -22.44 8.23
C THR C 118 -4.54 -22.47 8.03
N ILE C 119 -3.84 -21.53 8.68
CA ILE C 119 -2.39 -21.47 8.68
C ILE C 119 -1.91 -21.58 10.12
N HIS C 120 -0.98 -22.50 10.38
CA HIS C 120 -0.47 -22.74 11.71
C HIS C 120 1.04 -22.93 11.64
N ALA C 121 1.79 -21.94 12.14
CA ALA C 121 3.24 -22.05 12.28
C ALA C 121 3.53 -22.82 13.57
N ASP C 122 3.33 -24.13 13.50
CA ASP C 122 3.32 -24.98 14.69
C ASP C 122 4.75 -25.33 15.08
N THR C 123 5.22 -24.75 16.17
CA THR C 123 6.47 -25.20 16.78
C THR C 123 6.20 -26.38 17.70
N GLN C 124 7.23 -27.22 17.86
CA GLN C 124 7.11 -28.39 18.72
C GLN C 124 7.31 -28.00 20.18
N GLY C 125 6.55 -27.02 20.65
CA GLY C 125 6.72 -26.55 22.01
C GLY C 125 8.11 -25.97 22.27
N THR C 126 8.69 -25.36 21.25
CA THR C 126 10.04 -24.80 21.35
C THR C 126 9.98 -23.33 20.96
N ALA C 127 10.53 -22.47 21.82
CA ALA C 127 10.48 -21.04 21.57
C ALA C 127 11.42 -20.67 20.43
N PRO C 128 10.93 -20.07 19.35
CA PRO C 128 11.86 -19.57 18.32
C PRO C 128 12.67 -18.39 18.83
N GLU C 129 13.83 -18.22 18.23
CA GLU C 129 14.71 -17.13 18.63
C GLU C 129 14.10 -15.77 18.29
N ALA C 130 14.36 -14.79 19.14
CA ALA C 130 13.75 -13.48 18.99
C ALA C 130 14.17 -12.84 17.66
N GLY C 131 13.25 -12.11 17.06
CA GLY C 131 13.47 -11.43 15.80
C GLY C 131 12.19 -11.38 14.99
N ASN C 132 12.33 -10.86 13.78
CA ASN C 132 11.21 -10.76 12.84
C ASN C 132 11.24 -11.93 11.88
N TYR C 133 10.08 -12.55 11.67
CA TYR C 133 9.95 -13.73 10.82
C TYR C 133 9.10 -13.39 9.59
N GLN C 134 9.41 -14.04 8.48
CA GLN C 134 8.67 -13.82 7.25
C GLN C 134 8.66 -15.10 6.41
N GLY C 135 7.54 -15.35 5.76
CA GLY C 135 7.38 -16.51 4.90
C GLY C 135 6.31 -16.24 3.87
N ILE C 136 6.23 -17.12 2.88
CA ILE C 136 5.27 -16.99 1.78
C ILE C 136 4.61 -18.34 1.55
N ILE C 137 3.32 -18.30 1.22
CA ILE C 137 2.53 -19.49 0.92
C ILE C 137 1.98 -19.34 -0.50
N SER C 138 2.16 -20.37 -1.31
CA SER C 138 1.72 -20.39 -2.71
C SER C 138 0.63 -21.46 -2.84
N LEU C 139 -0.61 -20.99 -3.01
CA LEU C 139 -1.76 -21.88 -3.07
C LEU C 139 -2.15 -22.10 -4.54
N ILE C 140 -1.86 -23.29 -5.05
CA ILE C 140 -2.23 -23.65 -6.43
C ILE C 140 -3.61 -24.26 -6.41
N MET C 141 -4.39 -24.00 -7.46
CA MET C 141 -5.76 -24.49 -7.56
C MET C 141 -6.08 -24.77 -9.02
N THR C 142 -6.55 -25.98 -9.30
CA THR C 142 -6.80 -26.42 -10.66
C THR C 142 -8.10 -27.21 -10.69
N GLN C 143 -8.77 -27.18 -11.87
CA GLN C 143 -9.94 -28.03 -12.12
C GLN C 143 -9.51 -29.44 -12.50
N LYS C 144 -10.31 -30.43 -12.09
CA LYS C 144 -10.02 -31.83 -12.35
C LYS C 144 -11.26 -32.51 -12.90
N THR C 145 -11.06 -33.35 -13.92
CA THR C 145 -12.16 -34.07 -14.55
C THR C 145 -12.90 -34.91 -13.52
N VAL D 1 28.72 10.82 4.43
CA VAL D 1 27.35 11.18 4.89
C VAL D 1 26.40 10.01 4.62
N GLU D 2 25.96 9.35 5.68
CA GLU D 2 25.14 8.16 5.56
C GLU D 2 23.65 8.52 5.66
N LYS D 3 22.82 7.59 5.20
CA LYS D 3 21.37 7.71 5.25
C LYS D 3 20.90 8.96 4.50
N ASN D 4 21.16 8.96 3.19
CA ASN D 4 20.68 10.03 2.32
C ASN D 4 19.27 9.68 1.82
N ILE D 5 18.31 10.56 2.09
CA ILE D 5 16.92 10.35 1.71
C ILE D 5 16.51 11.49 0.79
N THR D 6 15.94 11.14 -0.36
CA THR D 6 15.47 12.13 -1.32
C THR D 6 13.97 12.33 -1.15
N VAL D 7 13.55 13.60 -1.12
CA VAL D 7 12.16 13.97 -0.88
C VAL D 7 11.62 14.59 -2.16
N ARG D 8 10.39 14.20 -2.52
CA ARG D 8 9.73 14.70 -3.71
C ARG D 8 8.30 15.11 -3.36
N ALA D 9 7.76 16.04 -4.13
CA ALA D 9 6.40 16.51 -3.91
C ALA D 9 5.94 17.32 -5.11
N SER D 10 4.67 17.16 -5.45
CA SER D 10 4.02 17.92 -6.51
C SER D 10 2.96 18.82 -5.90
N VAL D 11 3.00 20.10 -6.24
CA VAL D 11 2.17 21.12 -5.62
C VAL D 11 1.20 21.67 -6.65
N ASP D 12 -0.10 21.62 -6.35
CA ASP D 12 -1.12 22.29 -7.12
C ASP D 12 -1.82 23.29 -6.20
N PRO D 13 -1.45 24.57 -6.23
CA PRO D 13 -1.98 25.50 -5.21
C PRO D 13 -3.50 25.62 -5.22
N LYS D 14 -4.16 25.41 -6.35
CA LYS D 14 -5.59 25.66 -6.43
C LYS D 14 -6.44 24.48 -5.98
N LEU D 15 -6.06 23.26 -6.33
CA LEU D 15 -6.89 22.10 -6.04
C LEU D 15 -6.02 20.93 -5.60
N ASP D 16 -6.63 20.06 -4.78
CA ASP D 16 -6.04 18.78 -4.42
C ASP D 16 -7.18 17.81 -4.12
N LEU D 17 -6.92 16.54 -4.39
CA LEU D 17 -7.87 15.46 -4.12
C LEU D 17 -7.23 14.48 -3.15
N LEU D 18 -7.81 14.37 -1.96
CA LEU D 18 -7.27 13.55 -0.90
C LEU D 18 -8.37 12.66 -0.33
N GLN D 19 -7.95 11.63 0.40
CA GLN D 19 -8.91 10.74 1.03
C GLN D 19 -9.64 11.45 2.16
N ALA D 20 -10.80 10.91 2.54
CA ALA D 20 -11.60 11.51 3.59
C ALA D 20 -10.84 11.57 4.90
N ASP D 21 -9.89 10.67 5.12
CA ASP D 21 -9.12 10.65 6.36
C ASP D 21 -7.93 11.59 6.33
N GLY D 22 -7.71 12.32 5.23
CA GLY D 22 -6.64 13.29 5.13
C GLY D 22 -5.42 12.82 4.36
N THR D 23 -5.27 11.51 4.15
CA THR D 23 -4.13 11.00 3.41
C THR D 23 -4.36 11.18 1.90
N SER D 24 -3.27 11.07 1.15
CA SER D 24 -3.34 11.22 -0.30
C SER D 24 -3.90 9.96 -0.95
N LEU D 25 -4.40 10.13 -2.17
CA LEU D 25 -4.99 9.01 -2.90
C LEU D 25 -3.91 7.96 -3.18
N PRO D 26 -4.28 6.68 -3.22
CA PRO D 26 -3.29 5.65 -3.53
C PRO D 26 -2.73 5.84 -4.93
N ASP D 27 -1.44 5.55 -5.07
CA ASP D 27 -0.78 5.64 -6.37
C ASP D 27 -1.15 4.49 -7.29
N SER D 28 -1.52 3.33 -6.74
CA SER D 28 -1.90 2.17 -7.52
C SER D 28 -3.05 1.45 -6.84
N ILE D 29 -3.89 0.78 -7.63
CA ILE D 29 -5.01 0.00 -7.12
C ILE D 29 -5.00 -1.36 -7.80
N ALA D 30 -5.64 -2.33 -7.15
CA ALA D 30 -5.73 -3.69 -7.65
C ALA D 30 -7.20 -4.10 -7.75
N LEU D 31 -7.56 -4.73 -8.87
CA LEU D 31 -8.91 -5.21 -9.08
C LEU D 31 -8.97 -6.72 -8.86
N THR D 32 -10.12 -7.19 -8.37
CA THR D 32 -10.33 -8.59 -8.05
C THR D 32 -11.27 -9.21 -9.07
N TYR D 33 -10.87 -10.35 -9.62
CA TYR D 33 -11.67 -11.07 -10.60
C TYR D 33 -12.55 -12.12 -9.93
N SER D 34 -13.65 -12.45 -10.60
CA SER D 34 -14.58 -13.46 -10.09
C SER D 34 -15.08 -14.26 -11.29
N SER D 35 -14.53 -15.47 -11.48
CA SER D 35 -14.89 -16.28 -12.64
C SER D 35 -16.36 -16.69 -12.62
N ALA D 36 -17.01 -16.69 -11.45
CA ALA D 36 -18.42 -17.04 -11.40
C ALA D 36 -19.26 -16.08 -12.22
N SER D 37 -18.98 -14.78 -12.12
CA SER D 37 -19.68 -13.77 -12.91
C SER D 37 -18.89 -13.34 -14.15
N ASN D 38 -17.63 -13.76 -14.27
CA ASN D 38 -16.80 -13.38 -15.40
C ASN D 38 -16.74 -11.87 -15.55
N ASN D 39 -16.59 -11.19 -14.42
CA ASN D 39 -16.52 -9.73 -14.40
C ASN D 39 -15.72 -9.27 -13.19
N PHE D 40 -15.24 -8.04 -13.26
CA PHE D 40 -14.49 -7.46 -12.15
C PHE D 40 -15.44 -6.82 -11.14
N GLU D 41 -14.96 -6.72 -9.90
CA GLU D 41 -15.73 -6.09 -8.83
C GLU D 41 -15.49 -4.58 -8.82
N VAL D 42 -16.49 -3.86 -8.32
CA VAL D 42 -16.42 -2.41 -8.30
C VAL D 42 -15.52 -1.96 -7.16
N TYR D 43 -14.56 -1.09 -7.48
CA TYR D 43 -13.63 -0.53 -6.51
C TYR D 43 -14.08 0.88 -6.16
N SER D 44 -14.27 1.12 -4.86
CA SER D 44 -14.78 2.40 -4.38
C SER D 44 -13.84 2.97 -3.32
N LEU D 45 -13.63 4.28 -3.39
CA LEU D 45 -12.76 4.98 -2.45
C LEU D 45 -13.39 6.32 -2.09
N ASN D 46 -13.30 6.69 -0.81
CA ASN D 46 -13.81 7.98 -0.35
C ASN D 46 -12.76 9.06 -0.56
N THR D 47 -13.15 10.16 -1.18
CA THR D 47 -12.24 11.25 -1.49
C THR D 47 -12.89 12.58 -1.10
N ALA D 48 -12.03 13.56 -0.82
CA ALA D 48 -12.48 14.90 -0.45
C ALA D 48 -11.70 15.92 -1.29
N ILE D 49 -12.43 16.85 -1.89
CA ILE D 49 -11.82 17.85 -2.76
C ILE D 49 -11.38 19.04 -1.90
N HIS D 50 -10.12 19.43 -2.07
CA HIS D 50 -9.56 20.61 -1.40
C HIS D 50 -9.47 21.75 -2.40
N THR D 51 -9.83 22.95 -1.95
CA THR D 51 -9.87 24.13 -2.81
C THR D 51 -9.17 25.30 -2.16
N ASN D 52 -8.63 26.20 -2.98
CA ASN D 52 -8.03 27.41 -2.47
C ASN D 52 -9.08 28.42 -2.04
N ASP D 53 -10.20 28.49 -2.77
CA ASP D 53 -11.32 29.38 -2.42
C ASP D 53 -12.60 28.57 -2.52
N LYS D 54 -13.52 28.81 -1.58
CA LYS D 54 -14.76 28.04 -1.53
C LYS D 54 -15.84 28.59 -2.44
N SER D 55 -15.64 29.76 -3.04
CA SER D 55 -16.68 30.40 -3.84
C SER D 55 -16.66 29.96 -5.29
N LYS D 56 -15.75 29.06 -5.68
CA LYS D 56 -15.61 28.64 -7.07
C LYS D 56 -15.86 27.14 -7.17
N GLY D 57 -16.59 26.74 -8.20
CA GLY D 57 -16.91 25.35 -8.40
C GLY D 57 -15.73 24.55 -8.93
N VAL D 58 -15.94 23.26 -9.09
CA VAL D 58 -14.91 22.33 -9.54
C VAL D 58 -15.41 21.58 -10.76
N VAL D 59 -14.52 21.37 -11.72
CA VAL D 59 -14.82 20.61 -12.94
C VAL D 59 -13.84 19.45 -13.05
N VAL D 60 -14.35 18.28 -13.37
CA VAL D 60 -13.57 17.05 -13.39
C VAL D 60 -13.70 16.41 -14.77
N LYS D 61 -12.58 15.93 -15.31
CA LYS D 61 -12.56 15.26 -16.59
C LYS D 61 -11.36 14.32 -16.64
N LEU D 62 -11.37 13.42 -17.63
CA LEU D 62 -10.29 12.47 -17.83
C LEU D 62 -9.49 12.85 -19.07
N SER D 63 -8.16 12.83 -18.94
CA SER D 63 -7.30 13.18 -20.07
C SER D 63 -7.49 12.22 -21.23
N ALA D 64 -7.61 10.93 -20.95
CA ALA D 64 -7.87 9.94 -22.00
C ALA D 64 -8.73 8.83 -21.40
N SER D 65 -9.50 8.19 -22.26
CA SER D 65 -10.40 7.13 -21.82
C SER D 65 -9.59 5.98 -21.23
N PRO D 66 -9.61 5.77 -19.91
CA PRO D 66 -8.80 4.69 -19.34
C PRO D 66 -9.28 3.32 -19.80
N VAL D 67 -8.31 2.46 -20.11
CA VAL D 67 -8.59 1.11 -20.59
C VAL D 67 -7.64 0.14 -19.88
N LEU D 68 -8.19 -0.92 -19.32
CA LEU D 68 -7.39 -1.96 -18.68
C LEU D 68 -6.99 -2.98 -19.75
N SER D 69 -5.71 -2.99 -20.12
CA SER D 69 -5.23 -3.81 -21.23
C SER D 69 -4.17 -4.79 -20.75
N ASN D 70 -4.14 -5.96 -21.38
CA ASN D 70 -3.16 -6.97 -21.04
C ASN D 70 -1.76 -6.51 -21.44
N ILE D 71 -0.78 -6.79 -20.57
CA ILE D 71 0.60 -6.40 -20.87
C ILE D 71 1.19 -7.24 -21.99
N MET D 72 0.91 -8.54 -22.00
CA MET D 72 1.47 -9.42 -23.02
C MET D 72 0.84 -9.21 -24.39
N LYS D 73 -0.48 -9.06 -24.46
CA LYS D 73 -1.19 -8.89 -25.72
C LYS D 73 -2.18 -7.75 -25.58
N PRO D 74 -1.80 -6.54 -26.01
CA PRO D 74 -2.71 -5.39 -25.84
C PRO D 74 -4.01 -5.52 -26.62
N ASN D 75 -4.14 -6.50 -27.52
CA ASN D 75 -5.39 -6.70 -28.23
C ASN D 75 -6.54 -7.07 -27.31
N SER D 76 -6.25 -7.60 -26.13
CA SER D 76 -7.26 -7.92 -25.13
C SER D 76 -7.26 -6.83 -24.06
N GLN D 77 -8.41 -6.21 -23.84
CA GLN D 77 -8.50 -5.10 -22.91
C GLN D 77 -9.93 -4.96 -22.42
N ILE D 78 -10.08 -4.26 -21.30
CA ILE D 78 -11.38 -4.06 -20.66
C ILE D 78 -11.57 -2.56 -20.40
N PRO D 79 -12.47 -1.88 -21.10
CA PRO D 79 -12.71 -0.46 -20.80
C PRO D 79 -13.16 -0.28 -19.36
N MET D 80 -12.69 0.79 -18.73
CA MET D 80 -12.97 1.09 -17.33
C MET D 80 -13.83 2.33 -17.25
N LYS D 81 -14.87 2.29 -16.41
CA LYS D 81 -15.76 3.41 -16.18
C LYS D 81 -15.42 4.05 -14.84
N VAL D 82 -15.14 5.36 -14.86
CA VAL D 82 -14.79 6.12 -13.68
C VAL D 82 -15.92 7.09 -13.36
N THR D 83 -16.38 7.07 -12.11
CA THR D 83 -17.44 7.96 -11.65
C THR D 83 -17.02 8.59 -10.33
N LEU D 84 -17.18 9.91 -10.24
CA LEU D 84 -16.84 10.66 -9.04
C LEU D 84 -18.06 11.47 -8.61
N GLY D 85 -18.40 11.38 -7.32
CA GLY D 85 -19.56 12.10 -6.82
C GLY D 85 -20.88 11.58 -7.34
N GLY D 86 -20.91 10.34 -7.83
CA GLY D 86 -22.12 9.74 -8.33
C GLY D 86 -22.41 9.99 -9.80
N LYS D 87 -21.62 10.83 -10.47
CA LYS D 87 -21.81 11.12 -11.89
C LYS D 87 -20.60 10.62 -12.68
N THR D 88 -20.88 9.97 -13.80
CA THR D 88 -19.83 9.34 -14.59
C THR D 88 -18.90 10.40 -15.19
N LEU D 89 -17.60 10.13 -15.12
CA LEU D 89 -16.61 11.02 -15.72
C LEU D 89 -16.35 10.61 -17.17
N ASN D 90 -15.93 11.58 -17.97
CA ASN D 90 -15.68 11.36 -19.39
C ASN D 90 -14.63 12.34 -19.87
N THR D 91 -14.11 12.09 -21.07
CA THR D 91 -13.14 13.00 -21.66
C THR D 91 -13.73 14.39 -21.86
N THR D 92 -15.05 14.50 -21.95
CA THR D 92 -15.74 15.77 -21.96
C THR D 92 -16.08 16.14 -20.52
N ASP D 93 -15.66 17.32 -20.10
CA ASP D 93 -15.67 17.66 -18.68
C ASP D 93 -17.10 17.77 -18.15
N THR D 94 -17.23 17.46 -16.85
CA THR D 94 -18.49 17.59 -16.13
C THR D 94 -18.28 18.56 -14.98
N GLU D 95 -19.35 19.29 -14.64
CA GLU D 95 -19.27 20.39 -13.68
C GLU D 95 -19.86 19.95 -12.34
N PHE D 96 -19.13 20.22 -11.26
CA PHE D 96 -19.60 20.04 -9.89
C PHE D 96 -19.89 21.43 -9.33
N THR D 97 -21.17 21.72 -9.11
CA THR D 97 -21.56 23.04 -8.63
C THR D 97 -21.11 23.24 -7.19
N VAL D 98 -20.89 24.49 -6.81
CA VAL D 98 -20.30 24.80 -5.50
C VAL D 98 -21.21 24.32 -4.37
N ASP D 99 -22.51 24.59 -4.48
CA ASP D 99 -23.42 24.23 -3.39
C ASP D 99 -23.56 22.72 -3.24
N THR D 100 -23.16 21.95 -4.25
CA THR D 100 -23.20 20.50 -4.17
C THR D 100 -21.93 19.90 -3.57
N LEU D 101 -20.93 20.73 -3.28
CA LEU D 101 -19.68 20.24 -2.70
C LEU D 101 -19.61 20.42 -1.20
N ASN D 102 -20.33 21.38 -0.63
CA ASN D 102 -20.40 21.58 0.81
C ASN D 102 -19.00 21.82 1.40
N PHE D 103 -18.40 22.92 0.97
CA PHE D 103 -17.07 23.30 1.47
C PHE D 103 -17.13 23.76 2.92
N GLY D 104 -16.49 23.03 3.81
CA GLY D 104 -16.39 23.41 5.21
C GLY D 104 -17.36 22.72 6.14
N THR D 105 -18.35 22.00 5.61
CA THR D 105 -19.32 21.32 6.46
C THR D 105 -18.69 20.20 7.27
N SER D 106 -17.56 19.66 6.84
CA SER D 106 -16.89 18.59 7.57
C SER D 106 -16.20 19.10 8.83
N GLY D 107 -16.12 20.41 9.03
CA GLY D 107 -15.43 21.00 10.16
C GLY D 107 -14.08 21.57 9.84
N VAL D 108 -13.50 21.21 8.69
CA VAL D 108 -12.21 21.73 8.26
C VAL D 108 -12.45 22.72 7.13
N GLU D 109 -11.86 23.91 7.26
CA GLU D 109 -12.10 24.97 6.29
C GLU D 109 -11.59 24.58 4.92
N ASN D 110 -12.38 24.91 3.89
CA ASN D 110 -12.05 24.70 2.49
C ASN D 110 -11.90 23.23 2.12
N VAL D 111 -12.52 22.33 2.86
CA VAL D 111 -12.49 20.90 2.57
C VAL D 111 -13.90 20.47 2.16
N SER D 112 -14.00 19.82 1.00
CA SER D 112 -15.30 19.47 0.45
C SER D 112 -15.87 18.24 1.15
N SER D 113 -17.13 17.93 0.79
CA SER D 113 -17.77 16.74 1.30
C SER D 113 -17.19 15.49 0.65
N THR D 114 -17.33 14.36 1.34
CA THR D 114 -16.82 13.10 0.84
C THR D 114 -17.47 12.75 -0.49
N GLN D 115 -16.65 12.62 -1.52
CA GLN D 115 -17.11 12.24 -2.86
C GLN D 115 -16.68 10.81 -3.13
N GLN D 116 -17.62 9.98 -3.56
CA GLN D 116 -17.34 8.58 -3.82
C GLN D 116 -16.69 8.41 -5.18
N LEU D 117 -15.47 7.87 -5.19
CA LEU D 117 -14.75 7.59 -6.42
C LEU D 117 -14.84 6.11 -6.72
N THR D 118 -15.30 5.77 -7.92
CA THR D 118 -15.59 4.39 -8.29
C THR D 118 -14.92 4.03 -9.60
N ILE D 119 -14.19 2.92 -9.61
CA ILE D 119 -13.56 2.37 -10.80
C ILE D 119 -14.15 1.00 -11.06
N HIS D 120 -14.63 0.77 -12.28
CA HIS D 120 -15.25 -0.51 -12.66
C HIS D 120 -14.76 -0.91 -14.04
N ALA D 121 -14.03 -2.02 -14.11
CA ALA D 121 -13.61 -2.61 -15.37
C ALA D 121 -14.73 -3.52 -15.86
N ASP D 122 -15.73 -2.90 -16.48
CA ASP D 122 -16.98 -3.59 -16.83
C ASP D 122 -16.81 -4.37 -18.13
N THR D 123 -16.66 -5.68 -18.00
CA THR D 123 -16.79 -6.56 -19.15
C THR D 123 -18.26 -6.87 -19.41
N GLN D 124 -18.58 -7.15 -20.68
CA GLN D 124 -19.96 -7.47 -21.04
C GLN D 124 -20.25 -8.93 -20.76
N GLY D 125 -19.99 -9.37 -19.53
CA GLY D 125 -20.20 -10.78 -19.21
C GLY D 125 -19.35 -11.72 -20.04
N THR D 126 -18.14 -11.29 -20.40
CA THR D 126 -17.24 -12.07 -21.23
C THR D 126 -15.91 -12.21 -20.51
N ALA D 127 -15.45 -13.44 -20.36
CA ALA D 127 -14.23 -13.69 -19.61
C ALA D 127 -13.02 -13.19 -20.40
N PRO D 128 -12.19 -12.33 -19.84
CA PRO D 128 -10.93 -11.98 -20.51
C PRO D 128 -9.94 -13.13 -20.47
N GLU D 129 -9.00 -13.10 -21.40
CA GLU D 129 -7.98 -14.15 -21.45
C GLU D 129 -7.05 -14.05 -20.24
N ALA D 130 -6.55 -15.22 -19.83
CA ALA D 130 -5.69 -15.27 -18.65
C ALA D 130 -4.41 -14.48 -18.87
N GLY D 131 -3.93 -13.84 -17.81
CA GLY D 131 -2.72 -13.06 -17.85
C GLY D 131 -2.80 -11.92 -16.86
N ASN D 132 -1.79 -11.06 -16.91
CA ASN D 132 -1.71 -9.88 -16.04
C ASN D 132 -2.15 -8.65 -16.82
N TYR D 133 -2.99 -7.83 -16.21
CA TYR D 133 -3.55 -6.65 -16.85
C TYR D 133 -3.09 -5.40 -16.12
N GLN D 134 -2.95 -4.31 -16.87
CA GLN D 134 -2.50 -3.05 -16.29
C GLN D 134 -3.11 -1.89 -17.08
N GLY D 135 -3.45 -0.83 -16.36
CA GLY D 135 -4.02 0.36 -16.97
C GLY D 135 -3.70 1.57 -16.13
N ILE D 136 -4.08 2.75 -16.65
CA ILE D 136 -3.80 4.01 -15.98
C ILE D 136 -5.03 4.91 -16.11
N ILE D 137 -5.33 5.65 -15.04
CA ILE D 137 -6.44 6.60 -15.00
C ILE D 137 -5.85 7.98 -14.73
N SER D 138 -6.24 8.97 -15.54
CA SER D 138 -5.78 10.34 -15.44
C SER D 138 -6.96 11.23 -15.08
N LEU D 139 -7.06 11.59 -13.81
CA LEU D 139 -8.19 12.36 -13.30
C LEU D 139 -7.80 13.84 -13.25
N ILE D 140 -8.42 14.64 -14.11
CA ILE D 140 -8.16 16.07 -14.17
C ILE D 140 -9.18 16.80 -13.30
N MET D 141 -8.76 17.88 -12.67
CA MET D 141 -9.63 18.70 -11.84
C MET D 141 -9.26 20.16 -12.02
N THR D 142 -10.26 21.01 -12.23
CA THR D 142 -10.03 22.43 -12.46
C THR D 142 -11.15 23.22 -11.81
N GLN D 143 -10.81 24.44 -11.36
CA GLN D 143 -11.81 25.40 -10.88
C GLN D 143 -12.56 26.03 -12.05
N LYS D 144 -13.85 26.25 -11.88
CA LYS D 144 -14.71 26.81 -12.91
C LYS D 144 -15.49 27.98 -12.34
N THR D 145 -15.58 29.06 -13.11
CA THR D 145 -16.30 30.26 -12.69
C THR D 145 -17.77 29.93 -12.39
N VAL E 1 26.19 -16.37 -20.81
CA VAL E 1 25.70 -16.37 -19.40
C VAL E 1 24.58 -15.34 -19.26
N GLU E 2 23.38 -15.83 -18.95
CA GLU E 2 22.20 -14.99 -18.88
C GLU E 2 21.84 -14.64 -17.43
N LYS E 3 20.98 -13.64 -17.30
CA LYS E 3 20.47 -13.21 -15.99
C LYS E 3 21.62 -12.80 -15.06
N ASN E 4 22.33 -11.75 -15.48
CA ASN E 4 23.39 -11.17 -14.66
C ASN E 4 22.79 -10.10 -13.76
N ILE E 5 22.90 -10.31 -12.45
CA ILE E 5 22.34 -9.39 -11.45
C ILE E 5 23.50 -8.83 -10.62
N THR E 6 23.54 -7.51 -10.50
CA THR E 6 24.58 -6.85 -9.71
C THR E 6 24.05 -6.54 -8.33
N VAL E 7 24.85 -6.84 -7.31
CA VAL E 7 24.48 -6.67 -5.91
C VAL E 7 25.37 -5.57 -5.31
N ARG E 8 24.76 -4.71 -4.50
CA ARG E 8 25.47 -3.64 -3.83
C ARG E 8 25.02 -3.57 -2.37
N ALA E 9 25.91 -3.05 -1.52
CA ALA E 9 25.60 -2.92 -0.10
C ALA E 9 26.57 -1.95 0.54
N SER E 10 26.06 -1.18 1.49
CA SER E 10 26.86 -0.24 2.27
C SER E 10 26.90 -0.72 3.71
N VAL E 11 28.10 -0.84 4.25
CA VAL E 11 28.33 -1.43 5.58
C VAL E 11 28.89 -0.36 6.50
N ASP E 12 28.21 -0.14 7.62
CA ASP E 12 28.72 0.67 8.72
C ASP E 12 28.77 -0.20 9.97
N PRO E 13 29.92 -0.77 10.33
CA PRO E 13 29.93 -1.76 11.41
C PRO E 13 29.46 -1.23 12.75
N LYS E 14 29.56 0.08 12.98
CA LYS E 14 29.25 0.61 14.31
C LYS E 14 27.77 0.94 14.49
N LEU E 15 27.15 1.59 13.51
CA LEU E 15 25.77 2.03 13.66
C LEU E 15 24.99 1.84 12.37
N ASP E 16 23.69 1.62 12.51
CA ASP E 16 22.75 1.55 11.41
C ASP E 16 21.40 2.08 11.88
N LEU E 17 20.59 2.52 10.93
CA LEU E 17 19.24 2.98 11.20
C LEU E 17 18.28 2.21 10.30
N LEU E 18 17.41 1.41 10.92
CA LEU E 18 16.49 0.53 10.21
C LEU E 18 15.09 0.72 10.75
N GLN E 19 14.11 0.30 9.97
CA GLN E 19 12.71 0.40 10.38
C GLN E 19 12.43 -0.57 11.52
N ALA E 20 11.33 -0.30 12.24
CA ALA E 20 10.97 -1.13 13.38
C ALA E 20 10.73 -2.58 12.97
N ASP E 21 10.32 -2.81 11.73
CA ASP E 21 10.06 -4.17 11.25
C ASP E 21 11.31 -4.87 10.75
N GLY E 22 12.47 -4.22 10.79
CA GLY E 22 13.72 -4.83 10.38
C GLY E 22 14.17 -4.47 8.98
N THR E 23 13.30 -3.90 8.15
CA THR E 23 13.70 -3.51 6.81
C THR E 23 14.46 -2.19 6.85
N SER E 24 15.17 -1.91 5.75
CA SER E 24 15.96 -0.69 5.66
C SER E 24 15.04 0.51 5.43
N LEU E 25 15.58 1.69 5.72
CA LEU E 25 14.80 2.92 5.55
C LEU E 25 14.49 3.14 4.07
N PRO E 26 13.35 3.75 3.77
CA PRO E 26 13.02 4.04 2.37
C PRO E 26 14.03 4.99 1.75
N ASP E 27 14.33 4.76 0.47
CA ASP E 27 15.24 5.65 -0.25
C ASP E 27 14.57 6.95 -0.67
N SER E 28 13.29 6.90 -1.01
CA SER E 28 12.56 8.08 -1.47
C SER E 28 11.25 8.18 -0.72
N ILE E 29 10.81 9.42 -0.46
CA ILE E 29 9.55 9.69 0.20
C ILE E 29 8.81 10.76 -0.58
N ALA E 30 7.48 10.73 -0.50
CA ALA E 30 6.63 11.68 -1.20
C ALA E 30 5.76 12.42 -0.18
N LEU E 31 5.77 13.74 -0.27
CA LEU E 31 4.93 14.58 0.59
C LEU E 31 3.64 14.94 -0.13
N THR E 32 2.57 15.10 0.65
CA THR E 32 1.24 15.38 0.12
C THR E 32 0.86 16.82 0.44
N TYR E 33 0.41 17.54 -0.58
CA TYR E 33 -0.02 18.93 -0.42
C TYR E 33 -1.52 18.99 -0.18
N SER E 34 -1.93 20.07 0.51
CA SER E 34 -3.36 20.29 0.80
C SER E 34 -3.61 21.78 0.64
N SER E 35 -4.25 22.16 -0.47
CA SER E 35 -4.51 23.57 -0.73
C SER E 35 -5.46 24.19 0.30
N ALA E 36 -6.20 23.37 1.04
CA ALA E 36 -7.08 23.92 2.07
C ALA E 36 -6.27 24.66 3.14
N SER E 37 -5.15 24.08 3.57
CA SER E 37 -4.29 24.71 4.54
C SER E 37 -3.06 25.37 3.92
N ASN E 38 -2.84 25.18 2.62
CA ASN E 38 -1.68 25.75 1.93
C ASN E 38 -0.39 25.34 2.64
N ASN E 39 -0.31 24.06 3.00
CA ASN E 39 0.86 23.55 3.71
C ASN E 39 0.95 22.05 3.49
N PHE E 40 2.15 21.52 3.72
CA PHE E 40 2.39 20.09 3.56
C PHE E 40 2.02 19.33 4.83
N GLU E 41 1.68 18.06 4.67
CA GLU E 41 1.36 17.19 5.79
C GLU E 41 2.63 16.59 6.38
N VAL E 42 2.56 16.27 7.67
CA VAL E 42 3.72 15.71 8.37
C VAL E 42 3.89 14.25 7.99
N TYR E 43 5.11 13.88 7.61
CA TYR E 43 5.46 12.51 7.27
C TYR E 43 6.22 11.90 8.43
N SER E 44 5.72 10.75 8.93
CA SER E 44 6.30 10.09 10.09
C SER E 44 6.60 8.64 9.76
N LEU E 45 7.74 8.15 10.26
CA LEU E 45 8.16 6.77 10.05
C LEU E 45 8.79 6.25 11.33
N ASN E 46 8.52 4.97 11.63
CA ASN E 46 9.09 4.34 12.81
C ASN E 46 10.44 3.72 12.48
N THR E 47 11.45 4.00 13.29
CA THR E 47 12.80 3.52 13.05
C THR E 47 13.39 3.01 14.36
N ALA E 48 14.35 2.08 14.24
CA ALA E 48 15.04 1.50 15.37
C ALA E 48 16.54 1.55 15.11
N ILE E 49 17.30 2.00 16.11
CA ILE E 49 18.73 2.18 15.97
C ILE E 49 19.43 0.87 16.31
N HIS E 50 20.30 0.41 15.40
CA HIS E 50 21.13 -0.76 15.61
C HIS E 50 22.54 -0.32 15.94
N THR E 51 23.10 -0.89 17.00
CA THR E 51 24.41 -0.46 17.50
C THR E 51 25.29 -1.68 17.74
N ASN E 52 26.60 -1.48 17.57
CA ASN E 52 27.56 -2.55 17.77
C ASN E 52 27.71 -2.90 19.25
N ASP E 53 27.84 -1.88 20.11
CA ASP E 53 27.94 -2.07 21.55
C ASP E 53 26.88 -1.24 22.24
N LYS E 54 26.21 -1.84 23.24
CA LYS E 54 25.09 -1.18 23.89
C LYS E 54 25.51 -0.23 25.00
N SER E 55 26.80 -0.15 25.31
CA SER E 55 27.27 0.71 26.40
C SER E 55 27.56 2.13 25.96
N LYS E 56 27.38 2.47 24.69
CA LYS E 56 27.73 3.78 24.15
C LYS E 56 26.48 4.44 23.58
N GLY E 57 26.37 5.75 23.77
CA GLY E 57 25.22 6.49 23.26
C GLY E 57 25.34 6.78 21.77
N VAL E 58 24.31 7.44 21.25
CA VAL E 58 24.20 7.76 19.84
C VAL E 58 23.99 9.25 19.68
N VAL E 59 24.67 9.83 18.69
CA VAL E 59 24.54 11.25 18.35
C VAL E 59 24.04 11.35 16.91
N VAL E 60 23.10 12.27 16.68
CA VAL E 60 22.46 12.43 15.39
C VAL E 60 22.57 13.88 14.94
N LYS E 61 22.88 14.09 13.67
CA LYS E 61 23.00 15.43 13.11
C LYS E 61 22.70 15.37 11.62
N LEU E 62 22.48 16.53 11.03
CA LEU E 62 22.27 16.66 9.59
C LEU E 62 23.48 17.31 8.95
N SER E 63 23.91 16.76 7.82
CA SER E 63 25.08 17.31 7.13
C SER E 63 24.86 18.75 6.72
N ALA E 64 23.68 19.07 6.19
CA ALA E 64 23.33 20.44 5.82
C ALA E 64 21.84 20.62 6.00
N SER E 65 21.44 21.86 6.26
CA SER E 65 20.03 22.16 6.50
C SER E 65 19.20 21.74 5.28
N PRO E 66 18.42 20.67 5.35
CA PRO E 66 17.67 20.24 4.16
C PRO E 66 16.61 21.27 3.78
N VAL E 67 16.44 21.45 2.47
CA VAL E 67 15.48 22.39 1.92
C VAL E 67 14.79 21.75 0.72
N LEU E 68 13.47 21.83 0.68
CA LEU E 68 12.69 21.31 -0.44
C LEU E 68 12.54 22.42 -1.47
N SER E 69 13.14 22.24 -2.65
CA SER E 69 13.22 23.28 -3.66
C SER E 69 12.57 22.82 -4.96
N ASN E 70 11.98 23.77 -5.67
CA ASN E 70 11.39 23.48 -6.98
C ASN E 70 12.49 23.20 -7.99
N ILE E 71 12.31 22.13 -8.76
CA ILE E 71 13.33 21.74 -9.73
C ILE E 71 13.50 22.77 -10.83
N MET E 72 12.41 23.32 -11.36
CA MET E 72 12.49 24.27 -12.46
C MET E 72 12.98 25.64 -12.02
N LYS E 73 12.51 26.14 -10.88
CA LYS E 73 12.90 27.46 -10.39
C LYS E 73 13.37 27.31 -8.94
N PRO E 74 14.67 27.13 -8.72
CA PRO E 74 15.16 26.91 -7.34
C PRO E 74 14.91 28.08 -6.41
N ASN E 75 14.60 29.27 -6.93
CA ASN E 75 14.33 30.41 -6.06
C ASN E 75 13.13 30.17 -5.15
N SER E 76 12.24 29.25 -5.51
CA SER E 76 11.10 28.88 -4.67
C SER E 76 11.45 27.58 -3.94
N GLN E 77 11.45 27.63 -2.61
CA GLN E 77 11.85 26.47 -1.82
C GLN E 77 11.15 26.51 -0.47
N ILE E 78 11.08 25.34 0.16
CA ILE E 78 10.42 25.18 1.45
C ILE E 78 11.37 24.48 2.41
N PRO E 79 11.86 25.13 3.47
CA PRO E 79 12.68 24.42 4.44
C PRO E 79 11.93 23.28 5.10
N MET E 80 12.65 22.20 5.38
CA MET E 80 12.06 21.02 6.01
C MET E 80 12.63 20.85 7.41
N LYS E 81 11.75 20.55 8.37
CA LYS E 81 12.14 20.31 9.75
C LYS E 81 12.15 18.81 10.00
N VAL E 82 13.29 18.30 10.48
CA VAL E 82 13.48 16.89 10.74
C VAL E 82 13.64 16.70 12.25
N THR E 83 12.87 15.77 12.81
CA THR E 83 12.94 15.46 14.24
C THR E 83 12.99 13.95 14.41
N LEU E 84 13.91 13.48 15.25
CA LEU E 84 14.05 12.06 15.57
C LEU E 84 13.98 11.88 17.07
N GLY E 85 13.15 10.94 17.51
CA GLY E 85 12.99 10.69 18.93
C GLY E 85 12.33 11.84 19.67
N GLY E 86 11.60 12.69 18.97
CA GLY E 86 10.91 13.80 19.58
C GLY E 86 11.71 15.08 19.70
N LYS E 87 12.99 15.06 19.37
CA LYS E 87 13.84 16.25 19.45
C LYS E 87 14.31 16.63 18.04
N THR E 88 14.24 17.91 17.74
CA THR E 88 14.55 18.39 16.39
C THR E 88 16.04 18.21 16.11
N LEU E 89 16.35 17.78 14.89
CA LEU E 89 17.73 17.64 14.45
C LEU E 89 18.21 18.94 13.82
N ASN E 90 19.52 19.17 13.88
CA ASN E 90 20.12 20.40 13.37
C ASN E 90 21.55 20.10 12.95
N THR E 91 22.13 21.04 12.20
CA THR E 91 23.52 20.90 11.79
C THR E 91 24.46 20.79 12.97
N THR E 92 24.05 21.27 14.15
CA THR E 92 24.79 21.07 15.39
C THR E 92 24.35 19.76 16.01
N ASP E 93 25.32 18.96 16.45
CA ASP E 93 25.04 17.60 16.89
C ASP E 93 24.15 17.61 18.13
N THR E 94 23.27 16.61 18.20
CA THR E 94 22.42 16.38 19.35
C THR E 94 22.64 14.96 19.86
N GLU E 95 22.65 14.81 21.18
CA GLU E 95 23.05 13.56 21.83
C GLU E 95 21.82 12.80 22.32
N PHE E 96 21.78 11.50 22.02
CA PHE E 96 20.77 10.59 22.54
C PHE E 96 21.45 9.70 23.57
N THR E 97 21.07 9.87 24.83
CA THR E 97 21.69 9.13 25.91
C THR E 97 21.37 7.64 25.79
N VAL E 98 22.29 6.80 26.28
CA VAL E 98 22.13 5.36 26.17
C VAL E 98 20.88 4.91 26.92
N ASP E 99 20.67 5.45 28.13
CA ASP E 99 19.50 5.06 28.92
C ASP E 99 18.19 5.43 28.23
N THR E 100 18.21 6.38 27.31
CA THR E 100 17.01 6.79 26.58
C THR E 100 16.76 5.93 25.35
N LEU E 101 17.71 5.08 24.96
CA LEU E 101 17.57 4.27 23.76
C LEU E 101 17.00 2.89 24.04
N ASN E 102 17.14 2.38 25.26
CA ASN E 102 16.56 1.09 25.65
C ASN E 102 17.04 -0.02 24.72
N PHE E 103 18.36 -0.27 24.74
CA PHE E 103 18.94 -1.31 23.91
C PHE E 103 18.56 -2.71 24.43
N GLY E 104 17.84 -3.47 23.62
CA GLY E 104 17.49 -4.84 23.93
C GLY E 104 16.10 -5.05 24.51
N THR E 105 15.38 -3.97 24.83
CA THR E 105 14.04 -4.12 25.40
C THR E 105 13.04 -4.68 24.40
N SER E 106 13.34 -4.58 23.10
CA SER E 106 12.42 -5.09 22.08
C SER E 106 12.49 -6.59 21.92
N GLY E 107 13.43 -7.26 22.60
CA GLY E 107 13.61 -8.68 22.48
C GLY E 107 14.81 -9.09 21.63
N VAL E 108 15.38 -8.17 20.87
CA VAL E 108 16.55 -8.44 20.04
C VAL E 108 17.73 -7.67 20.63
N GLU E 109 18.84 -8.37 20.85
CA GLU E 109 20.00 -7.74 21.47
C GLU E 109 20.56 -6.65 20.57
N ASN E 110 21.00 -5.55 21.19
CA ASN E 110 21.64 -4.41 20.53
C ASN E 110 20.70 -3.66 19.60
N VAL E 111 19.39 -3.82 19.75
CA VAL E 111 18.41 -3.10 18.95
C VAL E 111 17.67 -2.12 19.85
N SER E 112 17.68 -0.85 19.45
CA SER E 112 17.15 0.21 20.30
C SER E 112 15.62 0.27 20.20
N SER E 113 15.05 1.18 21.00
CA SER E 113 13.61 1.40 20.98
C SER E 113 13.21 2.13 19.70
N THR E 114 11.94 1.98 19.33
CA THR E 114 11.40 2.65 18.15
C THR E 114 11.51 4.16 18.33
N GLN E 115 12.21 4.81 17.40
CA GLN E 115 12.37 6.26 17.40
C GLN E 115 11.53 6.84 16.29
N GLN E 116 10.72 7.85 16.61
CA GLN E 116 9.82 8.46 15.64
C GLN E 116 10.60 9.46 14.79
N LEU E 117 10.75 9.14 13.50
CA LEU E 117 11.40 10.03 12.55
C LEU E 117 10.32 10.79 11.78
N THR E 118 10.42 12.12 11.77
CA THR E 118 9.38 12.97 11.20
C THR E 118 10.01 14.01 10.29
N ILE E 119 9.44 14.16 9.10
CA ILE E 119 9.84 15.17 8.13
C ILE E 119 8.64 16.07 7.86
N HIS E 120 8.85 17.38 7.96
CA HIS E 120 7.78 18.36 7.76
C HIS E 120 8.30 19.49 6.91
N ALA E 121 7.72 19.64 5.71
CA ALA E 121 8.02 20.78 4.84
C ALA E 121 7.08 21.92 5.23
N ASP E 122 7.46 22.62 6.29
CA ASP E 122 6.58 23.60 6.93
C ASP E 122 6.66 24.93 6.18
N THR E 123 5.64 25.23 5.40
CA THR E 123 5.47 26.58 4.88
C THR E 123 4.79 27.47 5.93
N GLN E 124 5.05 28.77 5.84
CA GLN E 124 4.45 29.71 6.78
C GLN E 124 3.05 30.09 6.34
N GLY E 125 2.21 29.09 6.10
CA GLY E 125 0.85 29.36 5.65
C GLY E 125 0.80 30.09 4.33
N THR E 126 1.77 29.84 3.45
CA THR E 126 1.85 30.49 2.15
C THR E 126 1.95 29.41 1.08
N ALA E 127 1.12 29.51 0.06
CA ALA E 127 1.09 28.48 -0.97
C ALA E 127 2.33 28.56 -1.84
N PRO E 128 3.09 27.47 -1.99
CA PRO E 128 4.19 27.48 -2.96
C PRO E 128 3.66 27.49 -4.39
N GLU E 129 4.50 27.98 -5.30
CA GLU E 129 4.11 28.06 -6.70
C GLU E 129 4.04 26.66 -7.31
N ALA E 130 3.15 26.53 -8.30
CA ALA E 130 2.89 25.23 -8.90
C ALA E 130 4.15 24.69 -9.59
N GLY E 131 4.31 23.37 -9.51
CA GLY E 131 5.44 22.70 -10.12
C GLY E 131 5.81 21.48 -9.30
N ASN E 132 6.92 20.85 -9.68
CA ASN E 132 7.44 19.67 -8.99
C ASN E 132 8.59 20.08 -8.10
N TYR E 133 8.59 19.59 -6.87
CA TYR E 133 9.60 19.93 -5.88
C TYR E 133 10.40 18.69 -5.52
N GLN E 134 11.68 18.90 -5.22
CA GLN E 134 12.56 17.80 -4.85
C GLN E 134 13.61 18.31 -3.86
N GLY E 135 13.98 17.45 -2.90
CA GLY E 135 14.97 17.77 -1.92
C GLY E 135 15.66 16.52 -1.42
N ILE E 136 16.67 16.70 -0.59
CA ILE E 136 17.45 15.59 -0.05
C ILE E 136 17.72 15.84 1.42
N ILE E 137 17.67 14.76 2.22
CA ILE E 137 17.97 14.80 3.63
C ILE E 137 19.15 13.87 3.88
N SER E 138 20.19 14.39 4.52
CA SER E 138 21.41 13.63 4.84
C SER E 138 21.50 13.49 6.35
N LEU E 139 21.05 12.33 6.85
CA LEU E 139 20.98 12.09 8.28
C LEU E 139 22.27 11.44 8.75
N ILE E 140 23.10 12.21 9.45
CA ILE E 140 24.36 11.72 10.00
C ILE E 140 24.12 11.25 11.43
N MET E 141 24.67 10.09 11.76
CA MET E 141 24.52 9.51 13.09
C MET E 141 25.82 8.82 13.49
N THR E 142 26.24 9.02 14.74
CA THR E 142 27.53 8.53 15.21
C THR E 142 27.41 8.13 16.66
N GLN E 143 28.34 7.24 17.09
CA GLN E 143 28.46 6.87 18.51
C GLN E 143 29.17 7.96 19.31
N LYS E 144 28.83 8.06 20.59
CA LYS E 144 29.43 9.05 21.48
C LYS E 144 29.87 8.37 22.76
N THR E 145 30.93 8.90 23.35
CA THR E 145 31.47 8.35 24.60
C THR E 145 30.47 8.54 25.74
N VAL F 1 16.27 15.65 -36.44
CA VAL F 1 15.27 14.72 -35.83
C VAL F 1 15.48 14.68 -34.32
N GLU F 2 14.44 15.01 -33.57
CA GLU F 2 14.52 15.11 -32.13
C GLU F 2 13.94 13.86 -31.46
N LYS F 3 14.29 13.70 -30.17
CA LYS F 3 13.78 12.61 -29.35
C LYS F 3 14.13 11.25 -29.97
N ASN F 4 15.43 10.99 -30.06
CA ASN F 4 15.91 9.70 -30.53
C ASN F 4 16.07 8.76 -29.34
N ILE F 5 15.35 7.63 -29.36
CA ILE F 5 15.36 6.65 -28.28
C ILE F 5 15.90 5.34 -28.83
N THR F 6 16.89 4.78 -28.15
CA THR F 6 17.48 3.50 -28.53
C THR F 6 16.83 2.38 -27.73
N VAL F 7 16.43 1.32 -28.43
CA VAL F 7 15.72 0.20 -27.84
C VAL F 7 16.61 -1.03 -27.91
N ARG F 8 16.69 -1.77 -26.79
CA ARG F 8 17.48 -2.99 -26.71
C ARG F 8 16.65 -4.09 -26.07
N ALA F 9 16.99 -5.33 -26.40
CA ALA F 9 16.29 -6.48 -25.86
C ALA F 9 17.13 -7.73 -26.07
N SER F 10 17.09 -8.62 -25.09
CA SER F 10 17.78 -9.91 -25.14
C SER F 10 16.73 -11.01 -25.24
N VAL F 11 16.88 -11.88 -26.24
CA VAL F 11 15.89 -12.90 -26.57
C VAL F 11 16.48 -14.28 -26.30
N ASP F 12 15.82 -15.05 -25.44
CA ASP F 12 16.15 -16.44 -25.21
C ASP F 12 14.91 -17.28 -25.52
N PRO F 13 14.78 -17.81 -26.74
CA PRO F 13 13.51 -18.46 -27.11
C PRO F 13 13.15 -19.66 -26.24
N LYS F 14 14.13 -20.30 -25.59
CA LYS F 14 13.85 -21.54 -24.89
C LYS F 14 13.44 -21.32 -23.44
N LEU F 15 14.07 -20.38 -22.74
CA LEU F 15 13.80 -20.19 -21.32
C LEU F 15 13.93 -18.72 -20.95
N ASP F 16 13.10 -18.30 -19.99
CA ASP F 16 13.16 -16.97 -19.41
C ASP F 16 12.79 -17.07 -17.94
N LEU F 17 13.31 -16.12 -17.15
CA LEU F 17 13.00 -16.03 -15.73
C LEU F 17 12.45 -14.63 -15.46
N LEU F 18 11.18 -14.56 -15.10
CA LEU F 18 10.48 -13.30 -14.87
C LEU F 18 9.80 -13.34 -13.51
N GLN F 19 9.47 -12.16 -13.01
CA GLN F 19 8.79 -12.07 -11.72
C GLN F 19 7.36 -12.59 -11.83
N ALA F 20 6.80 -12.95 -10.68
CA ALA F 20 5.46 -13.52 -10.65
C ALA F 20 4.42 -12.55 -11.21
N ASP F 21 4.69 -11.25 -11.17
CA ASP F 21 3.76 -10.27 -11.69
C ASP F 21 3.90 -10.05 -13.19
N GLY F 22 4.82 -10.75 -13.85
CA GLY F 22 5.01 -10.65 -15.27
C GLY F 22 6.17 -9.77 -15.70
N THR F 23 6.68 -8.93 -14.81
CA THR F 23 7.79 -8.06 -15.16
C THR F 23 9.11 -8.83 -15.11
N SER F 24 10.15 -8.22 -15.68
CA SER F 24 11.47 -8.84 -15.69
C SER F 24 12.12 -8.73 -14.32
N LEU F 25 13.15 -9.55 -14.12
CA LEU F 25 13.87 -9.53 -12.86
C LEU F 25 14.59 -8.20 -12.68
N PRO F 26 14.76 -7.73 -11.45
CA PRO F 26 15.48 -6.46 -11.25
C PRO F 26 16.91 -6.57 -11.74
N ASP F 27 17.40 -5.49 -12.35
CA ASP F 27 18.78 -5.45 -12.83
C ASP F 27 19.77 -5.26 -11.70
N SER F 28 19.40 -4.54 -10.64
CA SER F 28 20.28 -4.30 -9.51
C SER F 28 19.49 -4.49 -8.23
N ILE F 29 20.16 -4.99 -7.20
CA ILE F 29 19.56 -5.19 -5.88
C ILE F 29 20.49 -4.61 -4.83
N ALA F 30 19.91 -4.29 -3.67
CA ALA F 30 20.65 -3.70 -2.56
C ALA F 30 20.39 -4.52 -1.30
N LEU F 31 21.47 -4.88 -0.59
CA LEU F 31 21.37 -5.58 0.67
C LEU F 31 21.48 -4.60 1.83
N THR F 32 20.81 -4.92 2.92
CA THR F 32 20.74 -4.06 4.09
C THR F 32 21.54 -4.68 5.22
N TYR F 33 22.45 -3.90 5.81
CA TYR F 33 23.28 -4.36 6.90
C TYR F 33 22.62 -4.08 8.25
N SER F 34 22.92 -4.93 9.23
CA SER F 34 22.35 -4.79 10.57
C SER F 34 23.52 -4.94 11.56
N SER F 35 23.94 -3.82 12.14
CA SER F 35 25.08 -3.83 13.04
C SER F 35 24.82 -4.66 14.29
N ALA F 36 23.56 -4.82 14.71
CA ALA F 36 23.27 -5.61 15.90
C ALA F 36 23.69 -7.07 15.71
N SER F 37 23.36 -7.64 14.55
CA SER F 37 23.72 -9.03 14.27
C SER F 37 25.01 -9.16 13.47
N ASN F 38 25.55 -8.07 12.96
CA ASN F 38 26.78 -8.08 12.17
C ASN F 38 26.64 -9.03 10.98
N ASN F 39 25.48 -8.97 10.33
CA ASN F 39 25.20 -9.82 9.18
C ASN F 39 24.19 -9.13 8.28
N PHE F 40 24.17 -9.56 7.02
CA PHE F 40 23.22 -9.02 6.05
C PHE F 40 21.90 -9.77 6.13
N GLU F 41 20.82 -9.08 5.80
CA GLU F 41 19.49 -9.67 5.79
C GLU F 41 19.26 -10.44 4.49
N VAL F 42 18.39 -11.44 4.57
CA VAL F 42 18.11 -12.27 3.41
C VAL F 42 17.22 -11.52 2.43
N TYR F 43 17.62 -11.50 1.16
CA TYR F 43 16.85 -10.87 0.10
C TYR F 43 16.10 -11.94 -0.68
N SER F 44 14.77 -11.79 -0.74
CA SER F 44 13.91 -12.79 -1.38
C SER F 44 13.05 -12.12 -2.43
N LEU F 45 12.92 -12.79 -3.59
CA LEU F 45 12.11 -12.31 -4.70
C LEU F 45 11.35 -13.48 -5.30
N ASN F 46 10.09 -13.23 -5.66
CA ASN F 46 9.26 -14.25 -6.29
C ASN F 46 9.44 -14.22 -7.80
N THR F 47 9.71 -15.37 -8.39
CA THR F 47 9.97 -15.48 -9.82
C THR F 47 9.20 -16.66 -10.41
N ALA F 48 8.92 -16.57 -11.70
CA ALA F 48 8.21 -17.61 -12.43
C ALA F 48 9.01 -17.97 -13.67
N ILE F 49 9.12 -19.27 -13.93
CA ILE F 49 9.92 -19.75 -15.06
C ILE F 49 9.05 -19.88 -16.29
N HIS F 50 9.50 -19.32 -17.40
CA HIS F 50 8.83 -19.43 -18.69
C HIS F 50 9.59 -20.38 -19.59
N THR F 51 8.87 -21.24 -20.30
CA THR F 51 9.48 -22.26 -21.15
C THR F 51 8.79 -22.30 -22.50
N ASN F 52 9.54 -22.75 -23.50
CA ASN F 52 8.98 -22.92 -24.84
C ASN F 52 8.06 -24.12 -24.92
N ASP F 53 8.45 -25.24 -24.29
CA ASP F 53 7.65 -26.46 -24.26
C ASP F 53 7.54 -26.92 -22.81
N LYS F 54 6.32 -27.22 -22.37
CA LYS F 54 6.08 -27.60 -20.98
C LYS F 54 6.51 -29.03 -20.68
N SER F 55 6.87 -29.82 -21.71
CA SER F 55 7.16 -31.23 -21.51
C SER F 55 8.60 -31.50 -21.08
N LYS F 56 9.44 -30.47 -20.94
CA LYS F 56 10.84 -30.65 -20.59
C LYS F 56 11.13 -29.92 -19.29
N GLY F 57 12.03 -30.48 -18.49
CA GLY F 57 12.40 -29.88 -17.24
C GLY F 57 13.37 -28.73 -17.42
N VAL F 58 13.74 -28.11 -16.30
CA VAL F 58 14.62 -26.96 -16.27
C VAL F 58 15.80 -27.24 -15.36
N VAL F 59 16.99 -26.83 -15.78
CA VAL F 59 18.22 -26.98 -15.00
C VAL F 59 18.79 -25.60 -14.74
N VAL F 60 19.26 -25.37 -13.51
CA VAL F 60 19.73 -24.07 -13.09
C VAL F 60 21.13 -24.22 -12.50
N LYS F 61 22.01 -23.28 -12.83
CA LYS F 61 23.38 -23.29 -12.33
C LYS F 61 23.92 -21.87 -12.36
N LEU F 62 25.02 -21.66 -11.63
CA LEU F 62 25.71 -20.38 -11.61
C LEU F 62 27.01 -20.48 -12.38
N SER F 63 27.29 -19.46 -13.20
CA SER F 63 28.53 -19.46 -13.97
C SER F 63 29.75 -19.49 -13.07
N ALA F 64 29.75 -18.70 -12.00
CA ALA F 64 30.84 -18.69 -11.05
C ALA F 64 30.27 -18.39 -9.67
N SER F 65 31.00 -18.79 -8.65
CA SER F 65 30.53 -18.59 -7.28
C SER F 65 30.44 -17.10 -6.99
N PRO F 66 29.27 -16.57 -6.63
CA PRO F 66 29.18 -15.13 -6.35
C PRO F 66 29.80 -14.77 -5.01
N VAL F 67 30.57 -13.68 -5.00
CA VAL F 67 31.22 -13.17 -3.81
C VAL F 67 31.00 -11.67 -3.74
N LEU F 68 30.55 -11.20 -2.58
CA LEU F 68 30.34 -9.76 -2.37
C LEU F 68 31.65 -9.16 -1.85
N SER F 69 32.30 -8.35 -2.69
CA SER F 69 33.62 -7.83 -2.40
C SER F 69 33.60 -6.31 -2.33
N ASN F 70 34.40 -5.78 -1.42
CA ASN F 70 34.53 -4.33 -1.28
C ASN F 70 35.21 -3.75 -2.53
N ILE F 71 34.67 -2.64 -3.04
CA ILE F 71 35.22 -2.03 -4.22
C ILE F 71 36.62 -1.47 -3.99
N MET F 72 36.85 -0.84 -2.83
CA MET F 72 38.15 -0.26 -2.54
C MET F 72 39.21 -1.28 -2.21
N LYS F 73 38.86 -2.35 -1.50
CA LYS F 73 39.82 -3.36 -1.06
C LYS F 73 39.22 -4.74 -1.28
N PRO F 74 39.55 -5.40 -2.39
CA PRO F 74 38.97 -6.73 -2.66
C PRO F 74 39.34 -7.79 -1.64
N ASN F 75 40.38 -7.57 -0.84
CA ASN F 75 40.79 -8.56 0.14
C ASN F 75 39.67 -8.88 1.14
N SER F 76 38.78 -7.93 1.40
CA SER F 76 37.63 -8.14 2.29
C SER F 76 36.40 -8.40 1.44
N GLN F 77 35.79 -9.57 1.61
CA GLN F 77 34.67 -9.96 0.78
C GLN F 77 33.77 -10.91 1.56
N ILE F 78 32.53 -11.02 1.10
CA ILE F 78 31.52 -11.85 1.75
C ILE F 78 30.92 -12.80 0.72
N PRO F 79 31.09 -14.12 0.87
CA PRO F 79 30.42 -15.05 -0.05
C PRO F 79 28.90 -14.92 0.06
N MET F 80 28.23 -15.10 -1.07
CA MET F 80 26.78 -15.02 -1.13
C MET F 80 26.21 -16.39 -1.48
N LYS F 81 25.14 -16.78 -0.80
CA LYS F 81 24.46 -18.04 -1.03
C LYS F 81 23.16 -17.77 -1.77
N VAL F 82 22.98 -18.41 -2.93
CA VAL F 82 21.81 -18.21 -3.77
C VAL F 82 21.02 -19.51 -3.81
N THR F 83 19.71 -19.41 -3.57
CA THR F 83 18.81 -20.56 -3.62
C THR F 83 17.59 -20.21 -4.45
N LEU F 84 17.20 -21.13 -5.32
CA LEU F 84 16.02 -20.98 -6.16
C LEU F 84 15.14 -22.20 -5.99
N GLY F 85 13.84 -21.96 -5.74
CA GLY F 85 12.92 -23.07 -5.55
C GLY F 85 13.15 -23.85 -4.28
N GLY F 86 13.81 -23.25 -3.29
CA GLY F 86 14.07 -23.89 -2.03
C GLY F 86 15.34 -24.71 -1.97
N LYS F 87 16.04 -24.90 -3.09
CA LYS F 87 17.27 -25.65 -3.13
C LYS F 87 18.43 -24.75 -3.53
N THR F 88 19.54 -24.88 -2.83
CA THR F 88 20.69 -23.99 -3.05
C THR F 88 21.31 -24.25 -4.41
N LEU F 89 21.70 -23.16 -5.09
CA LEU F 89 22.39 -23.27 -6.36
C LEU F 89 23.90 -23.35 -6.13
N ASN F 90 24.59 -23.90 -7.13
CA ASN F 90 26.03 -24.12 -7.03
C ASN F 90 26.61 -24.13 -8.44
N THR F 91 27.94 -24.08 -8.52
CA THR F 91 28.61 -24.14 -9.82
C THR F 91 28.29 -25.44 -10.55
N THR F 92 27.89 -26.49 -9.83
CA THR F 92 27.42 -27.73 -10.43
C THR F 92 25.91 -27.63 -10.60
N ASP F 93 25.43 -28.02 -11.78
CA ASP F 93 24.04 -27.80 -12.13
C ASP F 93 23.12 -28.64 -11.25
N THR F 94 21.91 -28.12 -11.05
CA THR F 94 20.86 -28.80 -10.29
C THR F 94 19.62 -28.92 -11.15
N GLU F 95 18.86 -29.99 -10.94
CA GLU F 95 17.73 -30.34 -11.78
C GLU F 95 16.42 -29.98 -11.11
N PHE F 96 15.54 -29.32 -11.86
CA PHE F 96 14.17 -29.06 -11.45
C PHE F 96 13.27 -29.91 -12.33
N THR F 97 12.66 -30.94 -11.74
CA THR F 97 11.85 -31.87 -12.52
C THR F 97 10.60 -31.16 -13.06
N VAL F 98 10.09 -31.67 -14.18
CA VAL F 98 8.96 -31.03 -14.84
C VAL F 98 7.73 -31.05 -13.93
N ASP F 99 7.48 -32.17 -13.26
CA ASP F 99 6.32 -32.28 -12.39
C ASP F 99 6.39 -31.33 -11.20
N THR F 100 7.59 -30.86 -10.83
CA THR F 100 7.76 -29.95 -9.72
C THR F 100 7.61 -28.49 -10.13
N LEU F 101 7.52 -28.20 -11.43
CA LEU F 101 7.41 -26.82 -11.89
C LEU F 101 5.95 -26.38 -12.10
N ASN F 102 5.02 -27.33 -12.25
CA ASN F 102 3.60 -27.01 -12.35
C ASN F 102 3.34 -26.00 -13.47
N PHE F 103 3.74 -26.36 -14.69
CA PHE F 103 3.54 -25.48 -15.84
C PHE F 103 2.05 -25.32 -16.15
N GLY F 104 1.59 -24.07 -16.20
CA GLY F 104 0.23 -23.76 -16.59
C GLY F 104 -0.76 -23.66 -15.45
N THR F 105 -0.39 -24.05 -14.24
CA THR F 105 -1.31 -23.99 -13.12
C THR F 105 -1.68 -22.57 -12.73
N SER F 106 -0.88 -21.57 -13.15
CA SER F 106 -1.18 -20.18 -12.84
C SER F 106 -2.25 -19.60 -13.74
N GLY F 107 -2.68 -20.33 -14.77
CA GLY F 107 -3.66 -19.85 -15.73
C GLY F 107 -3.06 -19.41 -17.05
N VAL F 108 -1.75 -19.24 -17.13
CA VAL F 108 -1.07 -18.85 -18.37
C VAL F 108 -0.27 -20.05 -18.86
N GLU F 109 -0.48 -20.42 -20.12
CA GLU F 109 0.17 -21.60 -20.67
C GLU F 109 1.68 -21.40 -20.72
N ASN F 110 2.42 -22.48 -20.42
CA ASN F 110 3.87 -22.52 -20.47
C ASN F 110 4.53 -21.63 -19.42
N VAL F 111 3.81 -21.26 -18.36
CA VAL F 111 4.35 -20.46 -17.26
C VAL F 111 4.39 -21.33 -16.01
N SER F 112 5.56 -21.38 -15.37
CA SER F 112 5.75 -22.27 -14.23
C SER F 112 5.18 -21.67 -12.96
N SER F 113 5.36 -22.40 -11.86
CA SER F 113 4.94 -21.93 -10.55
C SER F 113 5.92 -20.88 -10.03
N THR F 114 5.49 -20.16 -8.99
CA THR F 114 6.34 -19.16 -8.37
C THR F 114 7.50 -19.83 -7.65
N GLN F 115 8.72 -19.47 -8.07
CA GLN F 115 9.94 -20.01 -7.48
C GLN F 115 10.59 -18.95 -6.61
N GLN F 116 10.92 -19.31 -5.38
CA GLN F 116 11.51 -18.35 -4.44
C GLN F 116 13.00 -18.22 -4.72
N LEU F 117 13.41 -17.04 -5.18
CA LEU F 117 14.81 -16.72 -5.40
C LEU F 117 15.33 -15.94 -4.20
N THR F 118 16.38 -16.47 -3.57
CA THR F 118 16.89 -15.90 -2.33
C THR F 118 18.39 -15.70 -2.45
N ILE F 119 18.86 -14.52 -2.05
CA ILE F 119 20.27 -14.17 -2.04
C ILE F 119 20.64 -13.72 -0.63
N HIS F 120 21.68 -14.34 -0.06
CA HIS F 120 22.11 -14.07 1.31
C HIS F 120 23.61 -13.92 1.35
N ALA F 121 24.09 -12.73 1.69
CA ALA F 121 25.51 -12.48 1.92
C ALA F 121 25.81 -12.85 3.37
N ASP F 122 25.95 -14.16 3.61
CA ASP F 122 26.03 -14.69 4.96
C ASP F 122 27.45 -14.56 5.49
N THR F 123 27.67 -13.53 6.31
CA THR F 123 28.89 -13.46 7.09
C THR F 123 28.82 -14.42 8.28
N GLN F 124 29.98 -14.88 8.73
CA GLN F 124 30.03 -15.79 9.86
C GLN F 124 29.96 -15.03 11.17
N GLY F 125 28.96 -14.18 11.32
CA GLY F 125 28.84 -13.39 12.54
C GLY F 125 30.01 -12.48 12.78
N THR F 126 30.61 -11.97 11.70
CA THR F 126 31.77 -11.08 11.80
C THR F 126 31.47 -9.83 10.99
N ALA F 127 31.70 -8.67 11.59
CA ALA F 127 31.40 -7.41 10.91
C ALA F 127 32.38 -7.17 9.78
N PRO F 128 31.93 -6.97 8.55
CA PRO F 128 32.86 -6.62 7.47
C PRO F 128 33.41 -5.21 7.66
N GLU F 129 34.55 -4.97 7.02
CA GLU F 129 35.18 -3.66 7.11
C GLU F 129 34.32 -2.61 6.43
N ALA F 130 34.33 -1.41 7.02
CA ALA F 130 33.49 -0.33 6.53
C ALA F 130 33.87 0.05 5.11
N GLY F 131 32.85 0.34 4.30
CA GLY F 131 33.04 0.73 2.92
C GLY F 131 31.85 0.28 2.10
N ASN F 132 32.00 0.41 0.78
CA ASN F 132 30.96 0.04 -0.18
C ASN F 132 31.32 -1.29 -0.81
N TYR F 133 30.34 -2.18 -0.94
CA TYR F 133 30.53 -3.52 -1.47
C TYR F 133 29.73 -3.70 -2.75
N GLN F 134 30.25 -4.52 -3.65
CA GLN F 134 29.57 -4.82 -4.90
C GLN F 134 29.87 -6.25 -5.30
N GLY F 135 28.93 -6.84 -6.03
CA GLY F 135 29.06 -8.21 -6.51
C GLY F 135 28.12 -8.45 -7.67
N ILE F 136 28.27 -9.61 -8.31
CA ILE F 136 27.46 -9.97 -9.46
C ILE F 136 27.05 -11.44 -9.32
N ILE F 137 25.82 -11.74 -9.70
CA ILE F 137 25.30 -13.11 -9.72
C ILE F 137 24.90 -13.42 -11.15
N SER F 138 25.41 -14.54 -11.68
CA SER F 138 25.16 -14.97 -13.05
C SER F 138 24.36 -16.27 -12.99
N LEU F 139 23.05 -16.16 -13.17
CA LEU F 139 22.14 -17.30 -13.05
C LEU F 139 21.95 -17.93 -14.43
N ILE F 140 22.50 -19.12 -14.62
CA ILE F 140 22.37 -19.84 -15.88
C ILE F 140 21.19 -20.79 -15.79
N MET F 141 20.44 -20.90 -16.88
CA MET F 141 19.29 -21.79 -16.96
C MET F 141 19.30 -22.51 -18.30
N THR F 142 18.91 -23.79 -18.27
CA THR F 142 18.88 -24.60 -19.48
C THR F 142 17.74 -25.60 -19.37
N GLN F 143 17.22 -26.01 -20.55
CA GLN F 143 16.26 -27.13 -20.62
C GLN F 143 17.01 -28.46 -20.64
N LYS F 144 16.45 -29.45 -19.97
CA LYS F 144 17.05 -30.77 -19.85
C LYS F 144 16.08 -31.83 -20.32
N THR F 145 16.60 -32.86 -20.97
CA THR F 145 15.79 -33.97 -21.47
C THR F 145 15.14 -34.72 -20.32
N VAL G 1 44.32 22.32 -13.54
CA VAL G 1 42.87 22.37 -13.18
C VAL G 1 42.29 20.96 -13.20
N GLU G 2 41.71 20.55 -12.07
CA GLU G 2 41.19 19.21 -11.92
C GLU G 2 39.66 19.22 -11.92
N LYS G 3 39.09 18.04 -12.12
CA LYS G 3 37.64 17.85 -12.12
C LYS G 3 36.96 18.72 -13.19
N ASN G 4 37.30 18.43 -14.44
CA ASN G 4 36.67 19.11 -15.58
C ASN G 4 35.40 18.37 -15.95
N ILE G 5 34.29 19.09 -16.02
CA ILE G 5 32.98 18.53 -16.33
C ILE G 5 32.44 19.22 -17.58
N THR G 6 32.02 18.44 -18.56
CA THR G 6 31.45 18.96 -19.79
C THR G 6 29.93 18.95 -19.70
N VAL G 7 29.30 20.05 -20.07
CA VAL G 7 27.85 20.22 -20.00
C VAL G 7 27.32 20.38 -21.40
N ARG G 8 26.29 19.60 -21.75
CA ARG G 8 25.66 19.67 -23.05
C ARG G 8 24.14 19.75 -22.87
N ALA G 9 23.49 20.42 -23.82
CA ALA G 9 22.04 20.58 -23.76
C ALA G 9 21.51 20.87 -25.16
N SER G 10 20.36 20.29 -25.47
CA SER G 10 19.65 20.53 -26.72
C SER G 10 18.43 21.38 -26.42
N VAL G 11 18.28 22.48 -27.17
CA VAL G 11 17.24 23.47 -26.91
C VAL G 11 16.26 23.46 -28.08
N ASP G 12 14.99 23.20 -27.78
CA ASP G 12 13.91 23.32 -28.75
C ASP G 12 12.90 24.31 -28.21
N PRO G 13 12.98 25.60 -28.56
CA PRO G 13 12.11 26.59 -27.90
C PRO G 13 10.63 26.32 -28.05
N LYS G 14 10.20 25.72 -29.15
CA LYS G 14 8.77 25.61 -29.43
C LYS G 14 8.13 24.39 -28.77
N LEU G 15 8.83 23.25 -28.73
CA LEU G 15 8.24 22.03 -28.20
C LEU G 15 9.26 21.28 -27.36
N ASP G 16 8.74 20.57 -26.36
CA ASP G 16 9.52 19.64 -25.55
C ASP G 16 8.57 18.59 -24.99
N LEU G 17 9.02 17.33 -25.03
CA LEU G 17 8.25 16.21 -24.53
C LEU G 17 9.02 15.58 -23.38
N LEU G 18 8.45 15.66 -22.18
CA LEU G 18 9.10 15.23 -20.95
C LEU G 18 8.15 14.33 -20.17
N GLN G 19 8.72 13.63 -19.19
CA GLN G 19 7.92 12.76 -18.34
C GLN G 19 6.98 13.58 -17.45
N ALA G 20 5.93 12.92 -16.97
CA ALA G 20 4.93 13.60 -16.14
C ALA G 20 5.55 14.17 -14.88
N ASP G 21 6.63 13.57 -14.37
CA ASP G 21 7.24 14.02 -13.13
C ASP G 21 8.20 15.19 -13.35
N GLY G 22 8.38 15.66 -14.58
CA GLY G 22 9.22 16.80 -14.86
C GLY G 22 10.60 16.46 -15.41
N THR G 23 11.05 15.22 -15.24
CA THR G 23 12.35 14.82 -15.76
C THR G 23 12.26 14.50 -17.26
N SER G 24 13.42 14.40 -17.89
CA SER G 24 13.47 14.13 -19.32
C SER G 24 13.19 12.65 -19.59
N LEU G 25 12.84 12.37 -20.84
CA LEU G 25 12.56 11.00 -21.24
C LEU G 25 13.82 10.15 -21.16
N PRO G 26 13.70 8.85 -20.91
CA PRO G 26 14.89 8.00 -20.86
C PRO G 26 15.60 7.96 -22.21
N ASP G 27 16.92 7.93 -22.17
CA ASP G 27 17.71 7.85 -23.39
C ASP G 27 17.66 6.46 -24.01
N SER G 28 17.51 5.42 -23.20
CA SER G 28 17.44 4.05 -23.69
C SER G 28 16.39 3.30 -22.89
N ILE G 29 15.78 2.29 -23.52
CA ILE G 29 14.77 1.46 -22.89
C ILE G 29 15.09 0.00 -23.16
N ALA G 30 14.57 -0.87 -22.30
CA ALA G 30 14.78 -2.31 -22.40
C ALA G 30 13.43 -3.02 -22.42
N LEU G 31 13.26 -3.93 -23.37
CA LEU G 31 12.03 -4.71 -23.47
C LEU G 31 12.22 -6.09 -22.84
N THR G 32 11.11 -6.66 -22.36
CA THR G 32 11.12 -7.94 -21.67
C THR G 32 10.54 -9.00 -22.60
N TYR G 33 11.32 -10.05 -22.83
CA TYR G 33 10.85 -11.18 -23.64
C TYR G 33 10.24 -12.26 -22.76
N SER G 34 9.23 -12.94 -23.30
CA SER G 34 8.54 -14.01 -22.58
C SER G 34 8.43 -15.19 -23.55
N SER G 35 9.27 -16.20 -23.34
CA SER G 35 9.29 -17.35 -24.23
C SER G 35 7.97 -18.12 -24.21
N ALA G 36 7.19 -18.00 -23.13
CA ALA G 36 5.90 -18.68 -23.08
C ALA G 36 4.95 -18.16 -24.15
N SER G 37 4.87 -16.83 -24.30
CA SER G 37 4.01 -16.22 -25.31
C SER G 37 4.74 -15.98 -26.62
N ASN G 38 6.06 -16.11 -26.65
CA ASN G 38 6.84 -15.89 -27.86
C ASN G 38 6.60 -14.49 -28.42
N ASN G 39 6.50 -13.52 -27.51
CA ASN G 39 6.29 -12.13 -27.91
C ASN G 39 6.80 -11.22 -26.81
N PHE G 40 7.07 -9.97 -27.18
CA PHE G 40 7.57 -8.99 -26.23
C PHE G 40 6.42 -8.34 -25.46
N GLU G 41 6.74 -7.80 -24.29
CA GLU G 41 5.77 -7.11 -23.47
C GLU G 41 5.67 -5.64 -23.87
N VAL G 42 4.50 -5.06 -23.63
CA VAL G 42 4.27 -3.66 -24.00
C VAL G 42 4.95 -2.74 -23.01
N TYR G 43 5.69 -1.77 -23.53
CA TYR G 43 6.39 -0.79 -22.71
C TYR G 43 5.59 0.51 -22.69
N SER G 44 5.25 0.98 -21.50
CA SER G 44 4.43 2.18 -21.32
C SER G 44 5.16 3.19 -20.46
N LEU G 45 5.09 4.46 -20.87
CA LEU G 45 5.74 5.55 -20.16
C LEU G 45 4.81 6.75 -20.15
N ASN G 46 4.78 7.47 -19.03
CA ASN G 46 3.98 8.68 -18.92
C ASN G 46 4.78 9.88 -19.41
N THR G 47 4.20 10.66 -20.32
CA THR G 47 4.86 11.81 -20.89
C THR G 47 3.89 12.99 -20.94
N ALA G 48 4.46 14.19 -20.88
CA ALA G 48 3.69 15.42 -20.94
C ALA G 48 4.33 16.35 -21.96
N ILE G 49 3.50 16.94 -22.83
CA ILE G 49 4.00 17.80 -23.89
C ILE G 49 4.11 19.22 -23.37
N HIS G 50 5.21 19.89 -23.71
CA HIS G 50 5.44 21.29 -23.38
C HIS G 50 5.39 22.12 -24.65
N THR G 51 4.80 23.32 -24.55
CA THR G 51 4.63 24.19 -25.70
C THR G 51 4.99 25.61 -25.32
N ASN G 52 5.42 26.38 -26.32
CA ASN G 52 5.73 27.79 -26.10
C ASN G 52 4.45 28.62 -25.96
N ASP G 53 3.46 28.34 -26.81
CA ASP G 53 2.16 29.00 -26.74
C ASP G 53 1.06 27.95 -26.70
N LYS G 54 0.15 28.08 -25.75
CA LYS G 54 -0.90 27.07 -25.56
C LYS G 54 -2.00 27.16 -26.60
N SER G 55 -1.99 28.16 -27.47
CA SER G 55 -3.08 28.36 -28.42
C SER G 55 -2.88 27.59 -29.73
N LYS G 56 -1.81 26.82 -29.86
CA LYS G 56 -1.52 26.08 -31.09
C LYS G 56 -1.52 24.59 -30.80
N GLY G 57 -1.95 23.81 -31.79
CA GLY G 57 -1.96 22.36 -31.66
C GLY G 57 -0.59 21.76 -31.84
N VAL G 58 -0.54 20.44 -31.71
CA VAL G 58 0.71 19.68 -31.79
C VAL G 58 0.55 18.57 -32.82
N VAL G 59 1.61 18.33 -33.59
CA VAL G 59 1.65 17.27 -34.58
C VAL G 59 2.81 16.34 -34.26
N VAL G 60 2.57 15.04 -34.35
CA VAL G 60 3.55 14.02 -33.98
C VAL G 60 3.73 13.06 -35.15
N LYS G 61 4.98 12.70 -35.44
CA LYS G 61 5.29 11.78 -36.52
C LYS G 61 6.65 11.15 -36.26
N LEU G 62 6.93 10.08 -36.99
CA LEU G 62 8.20 9.37 -36.90
C LEU G 62 9.01 9.59 -38.16
N SER G 63 10.31 9.84 -38.00
CA SER G 63 11.17 10.03 -39.17
C SER G 63 11.22 8.80 -40.05
N ALA G 64 11.31 7.61 -39.45
CA ALA G 64 11.32 6.37 -40.20
C ALA G 64 10.70 5.29 -39.33
N SER G 65 10.22 4.24 -39.98
CA SER G 65 9.53 3.17 -39.26
C SER G 65 10.51 2.45 -38.34
N PRO G 66 10.28 2.40 -37.03
CA PRO G 66 11.20 1.68 -36.15
C PRO G 66 11.14 0.17 -36.39
N VAL G 67 12.31 -0.45 -36.43
CA VAL G 67 12.42 -1.90 -36.57
C VAL G 67 13.47 -2.39 -35.58
N LEU G 68 13.08 -3.34 -34.73
CA LEU G 68 14.01 -3.93 -33.77
C LEU G 68 14.76 -5.06 -34.45
N SER G 69 16.02 -4.82 -34.80
CA SER G 69 16.82 -5.74 -35.60
C SER G 69 17.97 -6.29 -34.77
N ASN G 70 18.27 -7.58 -35.01
CA ASN G 70 19.38 -8.22 -34.33
C ASN G 70 20.69 -7.60 -34.80
N ILE G 71 21.59 -7.33 -33.84
CA ILE G 71 22.86 -6.71 -34.18
C ILE G 71 23.73 -7.64 -35.03
N MET G 72 23.74 -8.94 -34.72
CA MET G 72 24.57 -9.89 -35.45
C MET G 72 24.03 -10.22 -36.83
N LYS G 73 22.70 -10.31 -36.98
CA LYS G 73 22.08 -10.70 -38.24
C LYS G 73 20.90 -9.78 -38.51
N PRO G 74 21.09 -8.76 -39.36
CA PRO G 74 19.97 -7.83 -39.63
C PRO G 74 18.77 -8.49 -40.30
N ASN G 75 18.94 -9.66 -40.90
CA ASN G 75 17.83 -10.33 -41.57
C ASN G 75 16.70 -10.68 -40.60
N SER G 76 17.00 -10.82 -39.31
CA SER G 76 15.99 -11.10 -38.30
C SER G 76 15.68 -9.80 -37.55
N GLN G 77 14.43 -9.37 -37.62
CA GLN G 77 14.04 -8.10 -37.00
C GLN G 77 12.58 -8.18 -36.58
N ILE G 78 12.21 -7.31 -35.64
CA ILE G 78 10.85 -7.23 -35.12
C ILE G 78 10.33 -5.81 -35.29
N PRO G 79 9.35 -5.57 -36.16
CA PRO G 79 8.78 -4.22 -36.25
C PRO G 79 8.18 -3.77 -34.92
N MET G 80 8.34 -2.49 -34.62
CA MET G 80 7.86 -1.91 -33.37
C MET G 80 6.73 -0.93 -33.66
N LYS G 81 5.67 -1.01 -32.88
CA LYS G 81 4.51 -0.12 -33.00
C LYS G 81 4.55 0.91 -31.88
N VAL G 82 4.49 2.18 -32.24
CA VAL G 82 4.55 3.28 -31.29
C VAL G 82 3.22 4.03 -31.33
N THR G 83 2.65 4.26 -30.14
CA THR G 83 1.40 5.00 -30.02
C THR G 83 1.55 6.05 -28.93
N LEU G 84 1.09 7.27 -29.21
CA LEU G 84 1.15 8.38 -28.27
C LEU G 84 -0.24 8.97 -28.13
N GLY G 85 -0.68 9.16 -26.89
CA GLY G 85 -2.01 9.72 -26.65
C GLY G 85 -3.15 8.82 -27.07
N GLY G 86 -2.89 7.51 -27.16
CA GLY G 86 -3.92 6.56 -27.54
C GLY G 86 -4.07 6.34 -29.03
N LYS G 87 -3.37 7.10 -29.87
CA LYS G 87 -3.43 6.96 -31.32
C LYS G 87 -2.07 6.56 -31.86
N THR G 88 -2.05 5.53 -32.70
CA THR G 88 -0.81 4.98 -33.20
C THR G 88 -0.09 6.00 -34.07
N LEU G 89 1.23 6.11 -33.89
CA LEU G 89 2.04 6.99 -34.71
C LEU G 89 2.52 6.27 -35.96
N ASN G 90 2.77 7.05 -37.01
CA ASN G 90 3.20 6.51 -38.29
C ASN G 90 4.13 7.50 -38.96
N THR G 91 4.72 7.07 -40.08
CA THR G 91 5.58 7.95 -40.85
C THR G 91 4.84 9.19 -41.34
N THR G 92 3.52 9.13 -41.44
CA THR G 92 2.69 10.27 -41.83
C THR G 92 2.24 11.00 -40.58
N ASP G 93 2.17 12.32 -40.66
CA ASP G 93 1.88 13.15 -39.49
C ASP G 93 0.46 12.88 -38.98
N THR G 94 0.30 13.03 -37.67
CA THR G 94 -0.98 12.88 -37.00
C THR G 94 -1.30 14.16 -36.25
N GLU G 95 -2.59 14.39 -36.01
CA GLU G 95 -3.08 15.64 -35.45
C GLU G 95 -3.48 15.45 -33.99
N PHE G 96 -2.97 16.32 -33.13
CA PHE G 96 -3.38 16.40 -31.74
C PHE G 96 -3.98 17.79 -31.53
N THR G 97 -5.32 17.85 -31.47
CA THR G 97 -5.98 19.14 -31.37
C THR G 97 -5.70 19.79 -30.02
N VAL G 98 -5.78 21.12 -29.99
CA VAL G 98 -5.44 21.86 -28.77
C VAL G 98 -6.40 21.49 -27.65
N ASP G 99 -7.69 21.32 -27.97
CA ASP G 99 -8.66 20.98 -26.93
C ASP G 99 -8.40 19.61 -26.33
N THR G 100 -7.65 18.75 -27.01
CA THR G 100 -7.34 17.42 -26.51
C THR G 100 -6.11 17.39 -25.60
N LEU G 101 -5.22 18.38 -25.70
CA LEU G 101 -3.99 18.39 -24.93
C LEU G 101 -4.17 18.93 -23.52
N ASN G 102 -5.18 19.79 -23.29
CA ASN G 102 -5.50 20.28 -21.95
C ASN G 102 -4.30 20.99 -21.33
N PHE G 103 -3.84 22.05 -22.00
CA PHE G 103 -2.69 22.80 -21.51
C PHE G 103 -3.02 23.53 -20.22
N GLY G 104 -2.18 23.37 -19.19
CA GLY G 104 -2.31 24.09 -17.94
C GLY G 104 -3.17 23.41 -16.91
N THR G 105 -3.87 22.33 -17.26
CA THR G 105 -4.74 21.67 -16.30
C THR G 105 -3.97 20.99 -15.18
N SER G 106 -2.68 20.69 -15.40
CA SER G 106 -1.85 20.07 -14.37
C SER G 106 -1.43 21.05 -13.29
N GLY G 107 -1.68 22.34 -13.46
CA GLY G 107 -1.27 23.35 -12.52
C GLY G 107 -0.06 24.15 -12.97
N VAL G 108 0.68 23.67 -13.95
CA VAL G 108 1.84 24.37 -14.50
C VAL G 108 1.47 24.91 -15.87
N GLU G 109 1.64 26.21 -16.07
CA GLU G 109 1.23 26.84 -17.31
C GLU G 109 2.02 26.27 -18.50
N ASN G 110 1.32 26.11 -19.62
CA ASN G 110 1.89 25.65 -20.88
C ASN G 110 2.39 24.20 -20.81
N VAL G 111 1.88 23.40 -19.88
CA VAL G 111 2.22 21.99 -19.77
C VAL G 111 1.00 21.16 -20.11
N SER G 112 1.15 20.24 -21.06
CA SER G 112 0.01 19.46 -21.53
C SER G 112 -0.36 18.36 -20.53
N SER G 113 -1.44 17.67 -20.85
CA SER G 113 -1.87 16.53 -20.06
C SER G 113 -0.93 15.35 -20.28
N THR G 114 -0.91 14.44 -19.31
CA THR G 114 -0.08 13.24 -19.43
C THR G 114 -0.54 12.40 -20.61
N GLN G 115 0.36 12.22 -21.58
CA GLN G 115 0.09 11.44 -22.77
C GLN G 115 0.78 10.08 -22.63
N GLN G 116 0.02 9.01 -22.79
CA GLN G 116 0.56 7.67 -22.65
C GLN G 116 1.39 7.31 -23.88
N LEU G 117 2.66 7.00 -23.67
CA LEU G 117 3.56 6.58 -24.73
C LEU G 117 3.77 5.07 -24.64
N THR G 118 3.48 4.37 -25.73
CA THR G 118 3.52 2.92 -25.74
C THR G 118 4.42 2.44 -26.87
N ILE G 119 5.33 1.53 -26.55
CA ILE G 119 6.22 0.89 -27.53
C ILE G 119 6.03 -0.61 -27.44
N HIS G 120 5.73 -1.26 -28.56
CA HIS G 120 5.46 -2.69 -28.60
C HIS G 120 6.19 -3.30 -29.78
N ALA G 121 7.12 -4.21 -29.48
CA ALA G 121 7.79 -5.01 -30.51
C ALA G 121 6.95 -6.25 -30.76
N ASP G 122 5.90 -6.08 -31.57
CA ASP G 122 4.86 -7.10 -31.74
C ASP G 122 5.32 -8.12 -32.75
N THR G 123 5.73 -9.30 -32.27
CA THR G 123 5.94 -10.43 -33.16
C THR G 123 4.60 -11.13 -33.43
N GLN G 124 4.54 -11.81 -34.58
CA GLN G 124 3.33 -12.54 -34.94
C GLN G 124 3.31 -13.91 -34.28
N GLY G 125 3.48 -13.94 -32.96
CA GLY G 125 3.49 -15.22 -32.27
C GLY G 125 4.59 -16.15 -32.72
N THR G 126 5.71 -15.59 -33.19
CA THR G 126 6.84 -16.37 -33.68
C THR G 126 8.08 -15.99 -32.89
N ALA G 127 8.78 -17.00 -32.38
CA ALA G 127 9.95 -16.74 -31.56
C ALA G 127 11.09 -16.19 -32.41
N PRO G 128 11.65 -15.03 -32.09
CA PRO G 128 12.81 -14.53 -32.82
C PRO G 128 14.05 -15.36 -32.49
N GLU G 129 15.03 -15.28 -33.39
CA GLU G 129 16.29 -15.99 -33.18
C GLU G 129 17.02 -15.45 -31.96
N ALA G 130 17.71 -16.34 -31.27
CA ALA G 130 18.43 -15.95 -30.06
C ALA G 130 19.55 -14.99 -30.41
N GLY G 131 19.77 -14.01 -29.53
CA GLY G 131 20.79 -13.01 -29.71
C GLY G 131 20.38 -11.71 -29.07
N ASN G 132 21.15 -10.66 -29.35
CA ASN G 132 20.89 -9.33 -28.82
C ASN G 132 20.31 -8.45 -29.92
N TYR G 133 19.21 -7.76 -29.60
CA TYR G 133 18.50 -6.93 -30.55
C TYR G 133 18.63 -5.46 -30.17
N GLN G 134 18.72 -4.60 -31.19
CA GLN G 134 18.82 -3.17 -30.97
C GLN G 134 17.98 -2.44 -32.01
N GLY G 135 17.40 -1.31 -31.61
CA GLY G 135 16.58 -0.50 -32.49
C GLY G 135 16.58 0.94 -32.02
N ILE G 136 16.06 1.81 -32.88
CA ILE G 136 16.03 3.24 -32.61
C ILE G 136 14.66 3.79 -33.03
N ILE G 137 14.14 4.70 -32.22
CA ILE G 137 12.87 5.39 -32.51
C ILE G 137 13.15 6.88 -32.55
N SER G 138 12.69 7.53 -33.61
CA SER G 138 12.88 8.96 -33.81
C SER G 138 11.51 9.63 -33.80
N LEU G 139 11.15 10.20 -32.66
CA LEU G 139 9.84 10.82 -32.47
C LEU G 139 9.94 12.30 -32.80
N ILE G 140 9.31 12.69 -33.92
CA ILE G 140 9.29 14.09 -34.34
C ILE G 140 8.01 14.75 -33.86
N MET G 141 8.11 16.02 -33.49
CA MET G 141 6.96 16.79 -33.05
C MET G 141 7.02 18.19 -33.62
N THR G 142 5.87 18.71 -34.03
CA THR G 142 5.78 20.04 -34.61
C THR G 142 4.47 20.69 -34.18
N GLN G 143 4.47 22.03 -34.12
CA GLN G 143 3.23 22.79 -33.90
C GLN G 143 2.53 23.04 -35.23
N LYS G 144 1.20 23.00 -35.21
CA LYS G 144 0.38 23.20 -36.40
C LYS G 144 -0.61 24.32 -36.15
N THR G 145 -0.86 25.12 -37.17
CA THR G 145 -1.79 26.24 -37.08
C THR G 145 -3.18 25.76 -36.67
#